data_3KPF
#
_entry.id   3KPF
#
_cell.length_a   138.606
_cell.length_b   138.606
_cell.length_c   189.471
_cell.angle_alpha   90.00
_cell.angle_beta   90.00
_cell.angle_gamma   120.00
#
_symmetry.space_group_name_H-M   'P 31 2 1'
#
loop_
_entity.id
_entity.type
_entity.pdbx_description
1 polymer 'Polyamine oxidase'
2 branched 2-acetamido-2-deoxy-beta-D-glucopyranose-(1-4)-2-acetamido-2-deoxy-beta-D-glucopyranose
3 non-polymer 'FLAVIN-ADENINE DINUCLEOTIDE'
4 non-polymer 2-acetamido-2-deoxy-beta-D-glucopyranose
5 non-polymer 'CHLORIDE ION'
6 non-polymer 'ACETATE ION'
7 non-polymer 'SULFATE ION'
8 water water
#
_entity_poly.entity_id   1
_entity_poly.type   'polypeptide(L)'
_entity_poly.pdbx_seq_one_letter_code
;ATVGPRVIVVGAGMSGISAAKRLSEAGITDLLILEATDHIGGRMHKTNFAGINVELGANWVEGVNGGKMNPIWPIVNSTL
KLRNFRSDFDYLAQNVYKEDGGVYDEDYVQKRIELADSVEEMGEKLSATLHASGRDDMSILAMQRLNEHQPNGPATPVDM
VVDYYKFDYEFAEPPRVTSLQNTVPLATFSDFGDDVYFVADQRGYEAVVYYLAGQYLKTDDKSGKIVDPRLQLNKVVREI
KYSPGGVTVKTEDNSVYSADYVMVSASLGVLQSDLIQFKPKLPTWKVRAIYQFDMAVYTMIFLKFPRKFWPEGKGREFFL
YASSRRGYYGVWQEFEKQYPDANVLLVTVTDEESRRIEQQSDEQTKAEIMQVLRKMFPGKDVPDATDILVPRWWSDRFYK
GTFSNWPVGVNRYEYDQLRAPVGRVYFTGEHTSEHYNGYVHGAYLSGIDSAEILINCAQKKMCKYHVQGKYDHHHHHH
;
_entity_poly.pdbx_strand_id   A,B
#
# COMPACT_ATOMS: atom_id res chain seq x y z
N THR A 2 37.94 -19.66 -22.39
CA THR A 2 39.31 -20.26 -22.30
C THR A 2 40.41 -19.26 -22.66
N VAL A 3 40.14 -18.40 -23.66
CA VAL A 3 41.07 -17.35 -24.15
C VAL A 3 40.26 -16.19 -24.74
N GLY A 4 40.44 -15.02 -24.14
CA GLY A 4 39.66 -13.84 -24.52
C GLY A 4 39.08 -13.27 -23.26
N PRO A 5 38.08 -12.38 -23.39
CA PRO A 5 37.49 -11.70 -22.22
C PRO A 5 36.96 -12.70 -21.21
N ARG A 6 36.97 -12.30 -19.95
CA ARG A 6 36.59 -13.17 -18.87
C ARG A 6 35.40 -12.54 -18.14
N VAL A 7 34.33 -13.32 -17.95
CA VAL A 7 33.11 -12.81 -17.32
C VAL A 7 32.75 -13.63 -16.11
N ILE A 8 32.57 -12.96 -14.96
CA ILE A 8 32.05 -13.63 -13.78
C ILE A 8 30.53 -13.47 -13.74
N VAL A 9 29.82 -14.58 -13.55
CA VAL A 9 28.37 -14.54 -13.45
C VAL A 9 27.98 -14.85 -12.02
N VAL A 10 27.51 -13.84 -11.30
CA VAL A 10 27.05 -14.02 -9.93
C VAL A 10 25.65 -14.61 -9.88
N GLY A 11 25.56 -15.88 -9.47
CA GLY A 11 24.28 -16.58 -9.35
C GLY A 11 23.98 -17.52 -10.50
N ALA A 12 23.50 -18.72 -10.18
CA ALA A 12 23.10 -19.69 -11.18
C ALA A 12 21.65 -20.13 -11.00
N GLY A 13 20.74 -19.15 -10.94
CA GLY A 13 19.32 -19.40 -11.12
C GLY A 13 19.04 -19.38 -12.62
N MET A 14 17.78 -19.21 -13.00
CA MET A 14 17.38 -19.21 -14.41
C MET A 14 18.11 -18.16 -15.26
N SER A 15 18.28 -16.95 -14.74
CA SER A 15 18.86 -15.87 -15.54
C SER A 15 20.38 -15.99 -15.70
N GLY A 16 21.05 -16.39 -14.61
CA GLY A 16 22.48 -16.64 -14.62
C GLY A 16 22.86 -17.73 -15.60
N ILE A 17 22.10 -18.83 -15.56
CA ILE A 17 22.32 -19.97 -16.47
C ILE A 17 21.96 -19.57 -17.90
N SER A 18 20.87 -18.82 -18.05
CA SER A 18 20.46 -18.32 -19.35
C SER A 18 21.52 -17.42 -19.97
N ALA A 19 22.07 -16.52 -19.16
CA ALA A 19 23.09 -15.58 -19.62
C ALA A 19 24.39 -16.24 -20.03
N ALA A 20 24.90 -17.14 -19.18
CA ALA A 20 26.15 -17.84 -19.44
C ALA A 20 26.05 -18.67 -20.74
N LYS A 21 24.89 -19.28 -20.95
CA LYS A 21 24.59 -20.01 -22.17
C LYS A 21 24.71 -19.10 -23.41
N ARG A 22 24.12 -17.92 -23.33
CA ARG A 22 24.14 -17.01 -24.44
C ARG A 22 25.56 -16.47 -24.68
N LEU A 23 26.32 -16.27 -23.60
CA LEU A 23 27.72 -15.82 -23.70
C LEU A 23 28.59 -16.89 -24.35
N SER A 24 28.36 -18.13 -23.94
CA SER A 24 29.06 -19.28 -24.46
C SER A 24 28.82 -19.39 -25.97
N GLU A 25 27.56 -19.26 -26.36
CA GLU A 25 27.19 -19.35 -27.77
C GLU A 25 27.89 -18.30 -28.62
N ALA A 26 28.14 -17.13 -28.03
CA ALA A 26 28.81 -16.04 -28.74
C ALA A 26 30.29 -16.31 -28.91
N GLY A 27 30.80 -17.28 -28.14
CA GLY A 27 32.22 -17.55 -28.09
C GLY A 27 32.90 -17.02 -26.84
N ILE A 28 32.15 -16.35 -25.96
CA ILE A 28 32.70 -15.95 -24.66
C ILE A 28 32.58 -17.15 -23.72
N THR A 29 33.65 -17.93 -23.61
CA THR A 29 33.56 -19.19 -22.90
C THR A 29 34.34 -19.20 -21.60
N ASP A 30 35.06 -18.11 -21.34
CA ASP A 30 35.83 -17.95 -20.11
C ASP A 30 34.91 -17.43 -19.04
N LEU A 31 34.05 -18.31 -18.56
CA LEU A 31 33.00 -17.93 -17.65
C LEU A 31 33.30 -18.52 -16.31
N LEU A 32 33.01 -17.79 -15.25
CA LEU A 32 33.01 -18.39 -13.93
C LEU A 32 31.68 -18.06 -13.26
N ILE A 33 30.87 -19.09 -13.07
CA ILE A 33 29.60 -18.93 -12.34
C ILE A 33 29.80 -19.21 -10.84
N LEU A 34 29.52 -18.20 -10.02
CA LEU A 34 29.62 -18.31 -8.56
C LEU A 34 28.22 -18.32 -7.94
N GLU A 35 27.77 -19.50 -7.49
CA GLU A 35 26.43 -19.66 -6.90
C GLU A 35 26.46 -19.76 -5.38
N ALA A 36 25.70 -18.90 -4.70
CA ALA A 36 25.70 -18.83 -3.24
C ALA A 36 25.26 -20.11 -2.53
N THR A 37 24.21 -20.75 -3.02
CA THR A 37 23.73 -22.01 -2.43
C THR A 37 24.52 -23.20 -2.97
N ASP A 38 24.08 -24.42 -2.62
CA ASP A 38 24.74 -25.66 -3.04
C ASP A 38 24.14 -26.31 -4.30
N HIS A 39 23.40 -25.53 -5.07
CA HIS A 39 22.72 -26.04 -6.26
C HIS A 39 22.38 -24.90 -7.21
N ILE A 40 22.14 -25.25 -8.47
CA ILE A 40 21.65 -24.29 -9.43
C ILE A 40 20.12 -24.30 -9.38
N GLY A 41 19.48 -23.31 -10.00
CA GLY A 41 18.02 -23.28 -10.14
C GLY A 41 17.36 -22.08 -9.50
N GLY A 42 17.98 -21.54 -8.46
CA GLY A 42 17.46 -20.39 -7.74
C GLY A 42 16.04 -20.55 -7.24
N ARG A 43 15.17 -19.66 -7.69
CA ARG A 43 13.78 -19.62 -7.25
C ARG A 43 12.90 -20.66 -7.94
N MET A 44 13.54 -21.53 -8.72
CA MET A 44 12.90 -22.74 -9.19
C MET A 44 13.47 -23.88 -8.37
N HIS A 45 12.76 -24.29 -7.34
CA HIS A 45 13.30 -25.26 -6.41
C HIS A 45 12.23 -26.15 -5.79
N LYS A 46 12.43 -27.45 -5.93
CA LYS A 46 11.53 -28.46 -5.38
C LYS A 46 11.99 -28.89 -4.01
N THR A 47 11.09 -29.51 -3.25
CA THR A 47 11.42 -30.07 -1.94
C THR A 47 10.55 -31.27 -1.64
N ASN A 48 11.01 -32.11 -0.72
CA ASN A 48 10.23 -33.26 -0.31
C ASN A 48 9.21 -32.90 0.76
N PHE A 49 7.92 -33.03 0.44
CA PHE A 49 6.88 -32.79 1.44
C PHE A 49 6.03 -34.03 1.61
N ALA A 50 6.11 -34.58 2.83
CA ALA A 50 5.38 -35.77 3.22
C ALA A 50 5.43 -36.85 2.12
N GLY A 51 6.65 -37.13 1.64
CA GLY A 51 6.85 -38.23 0.69
C GLY A 51 6.60 -37.93 -0.79
N ILE A 52 6.31 -36.68 -1.12
CA ILE A 52 6.27 -36.29 -2.53
C ILE A 52 7.12 -35.06 -2.80
N ASN A 53 7.34 -34.76 -4.07
CA ASN A 53 8.07 -33.55 -4.40
C ASN A 53 7.15 -32.42 -4.84
N VAL A 54 7.13 -31.37 -4.04
CA VAL A 54 6.42 -30.13 -4.38
C VAL A 54 7.39 -28.96 -4.58
N GLU A 55 6.90 -27.94 -5.30
CA GLU A 55 7.70 -26.74 -5.57
C GLU A 55 7.65 -25.73 -4.43
N LEU A 56 8.81 -25.31 -3.95
CA LEU A 56 8.91 -24.22 -2.98
C LEU A 56 8.75 -22.86 -3.65
N GLY A 57 9.29 -22.73 -4.85
CA GLY A 57 9.23 -21.50 -5.62
C GLY A 57 8.23 -21.61 -6.75
N ALA A 58 8.68 -21.30 -7.97
CA ALA A 58 7.81 -21.27 -9.15
C ALA A 58 7.13 -22.62 -9.34
N ASN A 59 5.87 -22.57 -9.76
CA ASN A 59 5.09 -23.77 -9.94
C ASN A 59 4.31 -23.83 -11.27
N TRP A 60 4.11 -22.68 -11.91
CA TRP A 60 3.36 -22.60 -13.18
C TRP A 60 4.19 -22.12 -14.35
N VAL A 61 4.01 -22.74 -15.51
CA VAL A 61 4.36 -22.07 -16.75
C VAL A 61 3.18 -21.12 -17.03
N GLU A 62 3.45 -19.82 -17.04
CA GLU A 62 2.39 -18.81 -17.11
C GLU A 62 2.40 -18.11 -18.44
N GLY A 63 1.31 -18.23 -19.19
CA GLY A 63 1.25 -17.66 -20.53
C GLY A 63 1.51 -18.72 -21.59
N VAL A 64 0.47 -19.49 -21.90
CA VAL A 64 0.52 -20.56 -22.89
C VAL A 64 -0.71 -20.44 -23.78
N ASN A 65 -0.59 -20.91 -25.03
CA ASN A 65 -1.70 -20.94 -26.01
C ASN A 65 -2.12 -19.58 -26.58
N GLY A 66 -1.18 -18.65 -26.70
CA GLY A 66 -1.50 -17.34 -27.27
C GLY A 66 -0.87 -17.16 -28.63
N GLY A 67 -0.78 -15.91 -29.08
CA GLY A 67 -0.21 -15.57 -30.38
C GLY A 67 1.28 -15.74 -30.53
N LYS A 68 2.03 -15.75 -29.42
CA LYS A 68 3.47 -15.98 -29.46
C LYS A 68 3.88 -17.10 -28.51
N MET A 69 4.93 -17.82 -28.88
CA MET A 69 5.40 -18.98 -28.10
C MET A 69 6.28 -18.61 -26.92
N ASN A 70 5.74 -18.81 -25.72
CA ASN A 70 6.51 -18.69 -24.48
C ASN A 70 7.72 -19.62 -24.49
N PRO A 71 8.93 -19.06 -24.44
CA PRO A 71 10.14 -19.88 -24.59
C PRO A 71 10.26 -21.02 -23.58
N ILE A 72 9.68 -20.85 -22.40
CA ILE A 72 9.75 -21.89 -21.37
C ILE A 72 8.85 -23.08 -21.73
N TRP A 73 7.80 -22.84 -22.50
CA TRP A 73 6.79 -23.87 -22.72
C TRP A 73 7.25 -25.05 -23.60
N PRO A 74 7.92 -24.76 -24.74
CA PRO A 74 8.47 -25.89 -25.51
C PRO A 74 9.42 -26.76 -24.68
N ILE A 75 10.25 -26.13 -23.83
CA ILE A 75 11.15 -26.89 -22.96
C ILE A 75 10.37 -27.85 -22.04
N VAL A 76 9.35 -27.31 -21.38
CA VAL A 76 8.57 -28.06 -20.37
C VAL A 76 7.73 -29.15 -21.01
N ASN A 77 6.98 -28.79 -22.05
CA ASN A 77 5.99 -29.69 -22.62
C ASN A 77 6.50 -30.67 -23.70
N SER A 78 7.54 -30.30 -24.44
CA SER A 78 8.08 -31.19 -25.48
C SER A 78 9.43 -31.82 -25.13
N THR A 79 10.43 -30.99 -24.87
CA THR A 79 11.80 -31.44 -24.64
C THR A 79 11.88 -32.36 -23.44
N LEU A 80 11.48 -31.86 -22.28
CA LEU A 80 11.63 -32.61 -21.04
C LEU A 80 10.38 -33.39 -20.69
N LYS A 81 9.27 -33.07 -21.37
CA LYS A 81 7.95 -33.61 -21.06
C LYS A 81 7.72 -33.68 -19.56
N LEU A 82 7.77 -32.53 -18.89
CA LEU A 82 7.44 -32.47 -17.47
C LEU A 82 5.93 -32.57 -17.28
N ARG A 83 5.53 -33.38 -16.29
CA ARG A 83 4.11 -33.59 -15.99
C ARG A 83 3.45 -32.28 -15.57
N ASN A 84 2.43 -31.87 -16.32
CA ASN A 84 1.77 -30.58 -16.07
C ASN A 84 0.27 -30.59 -16.35
N PHE A 85 -0.45 -29.65 -15.74
CA PHE A 85 -1.92 -29.56 -15.88
C PHE A 85 -2.36 -28.13 -16.03
N ARG A 86 -3.20 -27.87 -17.03
CA ARG A 86 -3.77 -26.54 -17.21
C ARG A 86 -4.66 -26.20 -16.04
N SER A 87 -4.51 -25.00 -15.49
CA SER A 87 -5.34 -24.56 -14.38
C SER A 87 -6.62 -23.93 -14.88
N ASP A 88 -7.75 -24.47 -14.42
CA ASP A 88 -9.07 -23.97 -14.80
C ASP A 88 -9.69 -23.15 -13.65
N PHE A 89 -9.98 -21.88 -13.93
CA PHE A 89 -10.51 -20.99 -12.90
C PHE A 89 -11.96 -20.65 -13.15
N ASP A 90 -12.58 -21.37 -14.08
CA ASP A 90 -13.98 -21.15 -14.49
C ASP A 90 -15.07 -21.41 -13.45
N TYR A 91 -14.73 -22.03 -12.32
CA TYR A 91 -15.73 -22.43 -11.36
C TYR A 91 -15.58 -21.80 -9.99
N LEU A 92 -14.80 -20.73 -9.91
CA LEU A 92 -14.56 -20.10 -8.61
C LEU A 92 -15.85 -19.72 -7.89
N ALA A 93 -16.84 -19.27 -8.66
CA ALA A 93 -18.13 -18.83 -8.13
C ALA A 93 -18.82 -19.90 -7.29
N GLN A 94 -18.58 -21.16 -7.62
CA GLN A 94 -19.11 -22.28 -6.84
C GLN A 94 -18.28 -22.56 -5.59
N ASN A 95 -17.15 -21.88 -5.44
CA ASN A 95 -16.17 -22.29 -4.43
C ASN A 95 -15.69 -21.22 -3.47
N VAL A 96 -16.54 -20.24 -3.20
CA VAL A 96 -16.21 -19.18 -2.26
C VAL A 96 -16.88 -19.42 -0.90
N TYR A 97 -16.05 -19.55 0.13
CA TYR A 97 -16.49 -19.90 1.47
C TYR A 97 -16.70 -18.68 2.35
N LYS A 98 -17.80 -18.69 3.10
CA LYS A 98 -18.10 -17.63 4.06
C LYS A 98 -17.22 -17.75 5.28
N GLU A 99 -16.79 -16.62 5.82
CA GLU A 99 -15.91 -16.62 6.97
C GLU A 99 -16.41 -17.62 7.97
N ASP A 100 -17.83 -17.74 8.25
CA ASP A 100 -18.38 -18.66 9.19
C ASP A 100 -19.56 -19.21 8.46
N GLY A 101 -19.52 -20.47 8.08
CA GLY A 101 -20.70 -21.09 7.54
C GLY A 101 -20.83 -21.38 6.06
N GLY A 102 -19.81 -21.98 5.46
CA GLY A 102 -20.00 -22.59 4.18
C GLY A 102 -19.88 -21.73 2.96
N VAL A 103 -20.33 -22.16 1.82
CA VAL A 103 -20.15 -21.47 0.56
C VAL A 103 -21.26 -20.49 0.27
N TYR A 104 -20.94 -19.50 -0.54
CA TYR A 104 -21.89 -18.53 -1.01
C TYR A 104 -22.63 -19.10 -2.19
N ASP A 105 -23.78 -18.51 -2.47
CA ASP A 105 -24.58 -18.88 -3.63
C ASP A 105 -23.80 -18.60 -4.92
N GLU A 106 -23.62 -19.65 -5.73
CA GLU A 106 -22.91 -19.53 -7.00
C GLU A 106 -23.30 -18.26 -7.76
N ASP A 107 -24.61 -18.07 -7.87
CA ASP A 107 -25.20 -16.94 -8.60
CA ASP A 107 -25.15 -16.95 -8.63
C ASP A 107 -24.71 -15.59 -8.07
N TYR A 108 -24.72 -15.47 -6.74
CA TYR A 108 -24.30 -14.24 -6.07
C TYR A 108 -22.84 -13.87 -6.34
N VAL A 109 -21.96 -14.86 -6.23
CA VAL A 109 -20.53 -14.67 -6.44
C VAL A 109 -20.22 -14.37 -7.90
N GLN A 110 -20.94 -15.02 -8.81
CA GLN A 110 -20.72 -14.79 -10.23
C GLN A 110 -20.91 -13.31 -10.61
N LYS A 111 -21.91 -12.66 -10.00
CA LYS A 111 -22.16 -11.24 -10.25
C LYS A 111 -20.98 -10.39 -9.80
N ARG A 112 -20.52 -10.63 -8.57
CA ARG A 112 -19.36 -9.95 -8.00
C ARG A 112 -18.11 -10.14 -8.87
N ILE A 113 -17.91 -11.37 -9.36
CA ILE A 113 -16.80 -11.69 -10.26
C ILE A 113 -16.91 -10.94 -11.58
N GLU A 114 -18.10 -11.01 -12.21
CA GLU A 114 -18.34 -10.33 -13.49
C GLU A 114 -18.14 -8.83 -13.32
N LEU A 115 -18.56 -8.31 -12.17
CA LEU A 115 -18.42 -6.91 -11.81
C LEU A 115 -16.96 -6.48 -11.74
N ALA A 116 -16.15 -7.29 -11.05
CA ALA A 116 -14.72 -7.05 -10.94
C ALA A 116 -14.04 -7.15 -12.30
N ASP A 117 -14.49 -8.11 -13.11
CA ASP A 117 -13.91 -8.33 -14.44
C ASP A 117 -14.11 -7.15 -15.35
N SER A 118 -15.26 -6.48 -15.22
CA SER A 118 -15.59 -5.35 -16.07
C SER A 118 -14.87 -4.08 -15.63
N VAL A 119 -14.68 -3.92 -14.32
CA VAL A 119 -13.87 -2.83 -13.81
C VAL A 119 -12.44 -2.98 -14.37
N GLU A 120 -11.93 -4.20 -14.39
CA GLU A 120 -10.59 -4.45 -14.92
C GLU A 120 -10.51 -4.23 -16.41
N GLU A 121 -11.55 -4.61 -17.14
CA GLU A 121 -11.59 -4.34 -18.58
C GLU A 121 -11.61 -2.84 -18.83
N MET A 122 -12.36 -2.10 -18.02
CA MET A 122 -12.34 -0.63 -18.07
CA MET A 122 -12.35 -0.63 -18.06
C MET A 122 -10.95 -0.11 -17.78
N GLY A 123 -10.23 -0.80 -16.90
CA GLY A 123 -8.85 -0.48 -16.58
C GLY A 123 -7.91 -0.73 -17.74
N GLU A 124 -8.11 -1.85 -18.43
CA GLU A 124 -7.33 -2.16 -19.63
C GLU A 124 -7.47 -1.10 -20.72
N LYS A 125 -8.70 -0.61 -20.96
CA LYS A 125 -8.90 0.44 -21.95
C LYS A 125 -8.16 1.72 -21.56
N LEU A 126 -8.30 2.10 -20.28
CA LEU A 126 -7.64 3.30 -19.74
C LEU A 126 -6.13 3.22 -19.94
N SER A 127 -5.58 2.05 -19.60
CA SER A 127 -4.16 1.76 -19.69
C SER A 127 -3.62 2.00 -21.10
N ALA A 128 -4.35 1.47 -22.09
CA ALA A 128 -4.03 1.57 -23.51
C ALA A 128 -3.85 3.02 -23.97
N THR A 129 -4.48 3.97 -23.26
CA THR A 129 -4.43 5.37 -23.65
C THR A 129 -3.37 6.21 -22.93
N LEU A 130 -2.72 5.65 -21.92
CA LEU A 130 -1.74 6.42 -21.14
C LEU A 130 -0.44 6.65 -21.91
N HIS A 131 0.25 7.74 -21.64
CA HIS A 131 1.49 8.07 -22.36
C HIS A 131 2.66 7.16 -21.96
N ALA A 132 3.51 6.84 -22.93
CA ALA A 132 4.63 5.92 -22.72
C ALA A 132 5.56 6.34 -21.57
N SER A 133 5.66 7.63 -21.34
CA SER A 133 6.46 8.17 -20.24
C SER A 133 5.91 7.86 -18.84
N GLY A 134 4.75 7.20 -18.75
CA GLY A 134 4.10 6.94 -17.48
C GLY A 134 3.59 8.17 -16.73
N ARG A 135 3.78 9.36 -17.30
CA ARG A 135 3.34 10.63 -16.71
C ARG A 135 1.93 10.60 -16.09
N ASP A 136 0.99 9.90 -16.72
CA ASP A 136 -0.39 9.90 -16.26
C ASP A 136 -0.86 8.51 -15.78
N ASP A 137 0.08 7.72 -15.25
CA ASP A 137 -0.17 6.39 -14.69
C ASP A 137 -0.74 6.52 -13.29
N MET A 138 -1.33 5.44 -12.79
CA MET A 138 -1.95 5.41 -11.47
C MET A 138 -1.90 4.00 -10.91
N SER A 139 -2.29 3.84 -9.65
CA SER A 139 -2.34 2.51 -9.04
C SER A 139 -3.58 1.79 -9.53
N ILE A 140 -3.54 0.46 -9.51
CA ILE A 140 -4.73 -0.34 -9.87
C ILE A 140 -5.94 0.08 -9.03
N LEU A 141 -5.70 0.40 -7.76
CA LEU A 141 -6.76 0.89 -6.88
C LEU A 141 -7.40 2.21 -7.34
N ALA A 142 -6.58 3.16 -7.79
CA ALA A 142 -7.08 4.47 -8.24
C ALA A 142 -8.01 4.28 -9.43
N MET A 143 -7.59 3.43 -10.35
CA MET A 143 -8.40 3.07 -11.50
C MET A 143 -9.73 2.47 -10.99
N GLN A 144 -9.65 1.57 -10.02
CA GLN A 144 -10.85 0.97 -9.45
C GLN A 144 -11.78 2.02 -8.84
N ARG A 145 -11.22 2.96 -8.10
CA ARG A 145 -11.97 4.04 -7.46
C ARG A 145 -12.72 4.84 -8.52
N LEU A 146 -12.00 5.18 -9.57
CA LEU A 146 -12.52 5.95 -10.70
C LEU A 146 -13.77 5.28 -11.34
N ASN A 147 -13.66 3.99 -11.64
CA ASN A 147 -14.79 3.24 -12.20
C ASN A 147 -15.94 3.02 -11.21
N GLU A 148 -15.61 2.76 -9.95
CA GLU A 148 -16.63 2.42 -8.97
C GLU A 148 -17.31 3.65 -8.35
N HIS A 149 -16.76 4.84 -8.60
CA HIS A 149 -17.18 6.09 -7.95
C HIS A 149 -17.23 5.96 -6.42
N GLN A 150 -16.12 5.50 -5.85
CA GLN A 150 -15.97 5.31 -4.41
C GLN A 150 -14.66 5.89 -3.95
N PRO A 151 -14.56 6.23 -2.65
CA PRO A 151 -13.26 6.58 -2.09
C PRO A 151 -12.37 5.36 -1.81
N ASN A 152 -12.86 4.16 -2.14
CA ASN A 152 -12.15 2.94 -1.78
C ASN A 152 -12.37 1.84 -2.82
N GLY A 153 -11.50 0.82 -2.83
CA GLY A 153 -11.68 -0.33 -3.73
C GLY A 153 -12.56 -1.37 -3.07
N PRO A 154 -12.59 -2.62 -3.59
CA PRO A 154 -13.42 -3.69 -3.00
C PRO A 154 -13.19 -3.77 -1.49
N ALA A 155 -14.24 -3.60 -0.68
CA ALA A 155 -14.07 -3.46 0.77
C ALA A 155 -15.01 -4.37 1.55
N THR A 156 -15.33 -5.52 0.96
CA THR A 156 -16.38 -6.38 1.43
C THR A 156 -15.83 -7.79 1.37
N PRO A 157 -16.10 -8.62 2.40
CA PRO A 157 -15.46 -9.95 2.41
C PRO A 157 -15.38 -10.71 1.05
N VAL A 158 -16.50 -10.86 0.35
CA VAL A 158 -16.47 -11.57 -0.94
C VAL A 158 -15.74 -10.77 -2.04
N ASP A 159 -16.00 -9.48 -2.09
CA ASP A 159 -15.39 -8.60 -3.08
C ASP A 159 -13.86 -8.53 -2.95
N MET A 160 -13.39 -8.53 -1.70
CA MET A 160 -11.98 -8.41 -1.40
C MET A 160 -11.22 -9.66 -1.74
N VAL A 161 -11.81 -10.83 -1.48
CA VAL A 161 -11.11 -12.07 -1.82
C VAL A 161 -11.11 -12.25 -3.34
N VAL A 162 -12.17 -11.81 -4.00
CA VAL A 162 -12.19 -11.78 -5.46
C VAL A 162 -11.12 -10.81 -5.98
N ASP A 163 -11.00 -9.65 -5.32
CA ASP A 163 -9.96 -8.66 -5.61
C ASP A 163 -8.59 -9.30 -5.39
N TYR A 164 -8.41 -9.87 -4.20
CA TYR A 164 -7.18 -10.56 -3.84
C TYR A 164 -6.82 -11.64 -4.84
N TYR A 165 -7.83 -12.40 -5.29
CA TYR A 165 -7.57 -13.49 -6.23
C TYR A 165 -7.10 -12.94 -7.57
N LYS A 166 -7.69 -11.85 -8.00
CA LYS A 166 -7.39 -11.29 -9.31
C LYS A 166 -6.03 -10.61 -9.36
N PHE A 167 -5.66 -9.97 -8.26
CA PHE A 167 -4.47 -9.14 -8.24
C PHE A 167 -3.36 -9.60 -7.30
N ASP A 168 -3.62 -9.63 -6.00
CA ASP A 168 -2.64 -10.09 -5.02
C ASP A 168 -2.09 -11.48 -5.36
N TYR A 169 -2.97 -12.39 -5.74
CA TYR A 169 -2.61 -13.78 -6.04
C TYR A 169 -1.73 -13.88 -7.28
N GLU A 170 -1.74 -12.82 -8.09
CA GLU A 170 -0.88 -12.75 -9.27
C GLU A 170 0.42 -11.99 -9.02
N PHE A 171 0.33 -10.85 -8.33
CA PHE A 171 1.45 -9.93 -8.19
C PHE A 171 2.07 -9.88 -6.79
N ALA A 172 1.42 -10.53 -5.82
CA ALA A 172 1.91 -10.64 -4.44
C ALA A 172 1.92 -9.34 -3.61
N GLU A 173 1.30 -8.29 -4.14
CA GLU A 173 1.11 -7.03 -3.40
C GLU A 173 -0.30 -6.51 -3.71
N PRO A 174 -0.90 -5.71 -2.80
CA PRO A 174 -2.24 -5.16 -3.08
C PRO A 174 -2.30 -4.27 -4.33
N PRO A 175 -3.47 -4.20 -5.01
CA PRO A 175 -3.66 -3.30 -6.16
C PRO A 175 -3.29 -1.85 -5.80
N ARG A 176 -3.44 -1.50 -4.53
CA ARG A 176 -3.03 -0.21 -4.00
C ARG A 176 -1.59 0.25 -4.37
N VAL A 177 -0.66 -0.69 -4.46
CA VAL A 177 0.74 -0.31 -4.67
C VAL A 177 1.25 -0.65 -6.06
N THR A 178 0.40 -1.32 -6.84
CA THR A 178 0.78 -1.81 -8.17
C THR A 178 0.44 -0.83 -9.27
N SER A 179 1.37 -0.66 -10.21
CA SER A 179 1.19 0.20 -11.38
C SER A 179 0.14 -0.35 -12.34
N LEU A 180 -0.84 0.47 -12.71
CA LEU A 180 -1.86 0.06 -13.68
C LEU A 180 -1.24 -0.17 -15.05
N GLN A 181 -0.53 0.86 -15.51
CA GLN A 181 0.01 0.88 -16.85
C GLN A 181 0.94 -0.29 -17.13
N ASN A 182 1.51 -0.87 -16.09
CA ASN A 182 2.48 -1.93 -16.27
C ASN A 182 2.03 -3.33 -15.90
N THR A 183 0.81 -3.45 -15.37
CA THR A 183 0.31 -4.78 -15.02
C THR A 183 -1.06 -5.08 -15.62
N VAL A 184 -1.77 -4.05 -16.08
CA VAL A 184 -3.11 -4.23 -16.63
C VAL A 184 -3.23 -3.54 -17.99
N PRO A 185 -3.21 -4.34 -19.09
CA PRO A 185 -3.09 -5.80 -19.11
C PRO A 185 -1.63 -6.21 -18.95
N LEU A 186 -1.41 -7.52 -18.81
CA LEU A 186 -0.08 -8.03 -18.51
C LEU A 186 0.54 -8.63 -19.76
N ALA A 187 1.66 -8.06 -20.20
CA ALA A 187 2.34 -8.52 -21.40
C ALA A 187 2.49 -10.04 -21.45
N THR A 188 2.74 -10.70 -20.30
CA THR A 188 2.81 -12.17 -20.26
C THR A 188 1.58 -12.79 -20.93
N PHE A 189 0.39 -12.40 -20.48
CA PHE A 189 -0.86 -12.98 -21.03
C PHE A 189 -1.24 -12.45 -22.41
N SER A 190 -1.07 -11.15 -22.62
CA SER A 190 -1.24 -10.56 -23.94
C SER A 190 -0.43 -11.33 -24.98
N ASP A 191 0.87 -11.50 -24.74
CA ASP A 191 1.79 -12.05 -25.73
C ASP A 191 1.76 -13.57 -25.84
N PHE A 192 1.83 -14.28 -24.71
CA PHE A 192 1.96 -15.74 -24.75
C PHE A 192 0.65 -16.51 -24.53
N GLY A 193 -0.41 -15.83 -24.08
CA GLY A 193 -1.72 -16.48 -23.90
C GLY A 193 -2.23 -16.47 -22.47
N ASP A 194 -3.54 -16.66 -22.30
CA ASP A 194 -4.16 -16.60 -20.97
C ASP A 194 -3.98 -17.82 -20.08
N ASP A 195 -3.59 -18.94 -20.67
CA ASP A 195 -3.51 -20.20 -19.94
C ASP A 195 -2.25 -20.32 -19.10
N VAL A 196 -2.40 -21.01 -17.97
CA VAL A 196 -1.29 -21.29 -17.08
C VAL A 196 -1.25 -22.81 -16.78
N TYR A 197 -0.06 -23.38 -16.74
CA TYR A 197 0.05 -24.82 -16.52
C TYR A 197 0.85 -25.16 -15.27
N PHE A 198 0.22 -25.95 -14.40
CA PHE A 198 0.83 -26.34 -13.13
C PHE A 198 1.81 -27.47 -13.35
N VAL A 199 3.09 -27.20 -13.10
CA VAL A 199 4.12 -28.21 -13.23
C VAL A 199 4.08 -29.10 -12.00
N ALA A 200 3.77 -30.38 -12.21
CA ALA A 200 3.71 -31.37 -11.14
C ALA A 200 4.48 -32.63 -11.56
N ASP A 201 5.81 -32.52 -11.52
CA ASP A 201 6.71 -33.59 -11.97
C ASP A 201 7.77 -33.78 -10.91
N GLN A 202 8.08 -35.02 -10.56
CA GLN A 202 9.00 -35.28 -9.46
C GLN A 202 10.45 -34.86 -9.74
N ARG A 203 10.73 -34.55 -11.00
CA ARG A 203 12.01 -34.00 -11.42
C ARG A 203 12.19 -32.54 -11.00
N GLY A 204 11.07 -31.83 -10.88
CA GLY A 204 11.06 -30.43 -10.48
C GLY A 204 11.02 -29.54 -11.70
N TYR A 205 10.34 -28.40 -11.57
CA TYR A 205 10.34 -27.34 -12.58
C TYR A 205 11.81 -26.90 -12.86
N GLU A 206 12.66 -27.05 -11.85
CA GLU A 206 14.09 -26.74 -11.96
C GLU A 206 14.78 -27.51 -13.10
N ALA A 207 14.18 -28.61 -13.54
CA ALA A 207 14.71 -29.40 -14.66
C ALA A 207 15.04 -28.51 -15.86
N VAL A 208 14.22 -27.48 -16.07
CA VAL A 208 14.45 -26.52 -17.14
C VAL A 208 15.82 -25.87 -16.99
N VAL A 209 16.17 -25.48 -15.77
CA VAL A 209 17.45 -24.82 -15.56
C VAL A 209 18.58 -25.82 -15.76
N TYR A 210 18.42 -27.01 -15.20
CA TYR A 210 19.39 -28.09 -15.35
C TYR A 210 19.63 -28.43 -16.80
N TYR A 211 18.55 -28.50 -17.57
CA TYR A 211 18.63 -28.82 -18.97
C TYR A 211 19.39 -27.76 -19.75
N LEU A 212 19.06 -26.49 -19.52
CA LEU A 212 19.75 -25.37 -20.16
C LEU A 212 21.22 -25.34 -19.77
N ALA A 213 21.49 -25.68 -18.51
CA ALA A 213 22.86 -25.70 -17.97
C ALA A 213 23.73 -26.75 -18.66
N GLY A 214 23.13 -27.89 -18.94
CA GLY A 214 23.85 -29.03 -19.49
C GLY A 214 24.11 -28.88 -20.97
N GLN A 215 23.63 -27.79 -21.56
CA GLN A 215 23.83 -27.52 -22.98
C GLN A 215 25.21 -26.97 -23.26
N TYR A 216 25.86 -26.44 -22.23
CA TYR A 216 27.15 -25.79 -22.41
C TYR A 216 28.14 -26.09 -21.28
N LEU A 217 27.66 -26.65 -20.17
CA LEU A 217 28.56 -27.01 -19.07
C LEU A 217 28.81 -28.52 -19.05
N LYS A 218 30.06 -28.91 -18.78
CA LYS A 218 30.46 -30.32 -18.68
C LYS A 218 29.63 -31.05 -17.64
N THR A 219 29.08 -32.19 -18.04
CA THR A 219 28.38 -33.08 -17.12
C THR A 219 28.98 -34.46 -17.18
N ASP A 220 28.92 -35.18 -16.07
CA ASP A 220 29.38 -36.56 -16.05
C ASP A 220 28.55 -37.48 -16.94
N ASP A 221 29.25 -38.28 -17.76
CA ASP A 221 28.63 -39.21 -18.71
C ASP A 221 27.80 -40.29 -18.05
N LYS A 222 28.22 -40.75 -16.89
CA LYS A 222 27.43 -41.73 -16.17
C LYS A 222 26.43 -41.02 -15.30
N SER A 223 26.93 -40.24 -14.35
CA SER A 223 26.08 -39.52 -13.39
C SER A 223 25.04 -38.60 -14.02
N GLY A 224 25.51 -37.60 -14.77
CA GLY A 224 24.61 -36.56 -15.28
C GLY A 224 24.85 -35.22 -14.60
N LYS A 225 25.42 -35.28 -13.39
CA LYS A 225 25.75 -34.09 -12.62
C LYS A 225 26.71 -33.18 -13.36
N ILE A 226 26.50 -31.87 -13.23
CA ILE A 226 27.41 -30.88 -13.79
C ILE A 226 28.73 -30.99 -13.05
N VAL A 227 29.81 -31.14 -13.82
CA VAL A 227 31.14 -31.32 -13.24
C VAL A 227 32.07 -30.23 -13.76
N ASP A 228 31.48 -29.19 -14.33
CA ASP A 228 32.26 -28.18 -15.00
C ASP A 228 32.94 -27.27 -13.98
N PRO A 229 34.28 -27.20 -14.01
CA PRO A 229 34.99 -26.31 -13.09
C PRO A 229 34.54 -24.86 -13.16
N ARG A 230 33.86 -24.49 -14.24
CA ARG A 230 33.42 -23.10 -14.40
C ARG A 230 32.23 -22.75 -13.51
N LEU A 231 31.45 -23.76 -13.11
CA LEU A 231 30.40 -23.62 -12.10
C LEU A 231 30.89 -23.92 -10.66
N GLN A 232 30.79 -22.91 -9.80
CA GLN A 232 31.27 -23.00 -8.40
C GLN A 232 30.14 -22.77 -7.38
N LEU A 233 29.71 -23.85 -6.76
CA LEU A 233 28.65 -23.79 -5.75
C LEU A 233 29.17 -23.36 -4.37
N ASN A 234 28.25 -22.95 -3.50
CA ASN A 234 28.56 -22.45 -2.15
C ASN A 234 29.56 -21.30 -2.18
N LYS A 235 29.38 -20.41 -3.16
CA LYS A 235 30.24 -19.26 -3.34
C LYS A 235 29.42 -17.99 -3.21
N VAL A 236 29.47 -17.39 -2.03
CA VAL A 236 28.66 -16.23 -1.70
C VAL A 236 29.44 -14.97 -2.01
N VAL A 237 29.06 -14.29 -3.08
CA VAL A 237 29.70 -13.03 -3.46
C VAL A 237 29.36 -11.99 -2.39
N ARG A 238 30.37 -11.25 -1.96
CA ARG A 238 30.17 -10.22 -0.94
C ARG A 238 30.64 -8.84 -1.38
N GLU A 239 31.67 -8.79 -2.22
CA GLU A 239 32.15 -7.50 -2.70
C GLU A 239 32.43 -7.52 -4.20
N ILE A 240 32.05 -6.43 -4.87
CA ILE A 240 32.38 -6.25 -6.27
C ILE A 240 33.08 -4.92 -6.42
N LYS A 241 34.34 -4.98 -6.88
CA LYS A 241 35.16 -3.81 -7.19
C LYS A 241 35.20 -3.60 -8.69
N TYR A 242 34.81 -2.42 -9.16
CA TYR A 242 34.82 -2.16 -10.60
C TYR A 242 35.56 -0.90 -10.95
N SER A 243 36.44 -1.03 -11.94
CA SER A 243 37.21 0.08 -12.47
C SER A 243 36.93 0.24 -13.95
N PRO A 244 37.39 1.36 -14.54
CA PRO A 244 37.29 1.43 -16.01
C PRO A 244 38.17 0.35 -16.68
N GLY A 245 39.09 -0.25 -15.92
CA GLY A 245 40.02 -1.25 -16.44
C GLY A 245 39.67 -2.71 -16.24
N GLY A 246 38.74 -3.00 -15.33
CA GLY A 246 38.40 -4.40 -15.02
C GLY A 246 37.66 -4.54 -13.69
N VAL A 247 37.33 -5.78 -13.32
CA VAL A 247 36.58 -6.01 -12.10
C VAL A 247 37.15 -7.11 -11.21
N THR A 248 36.81 -6.98 -9.93
CA THR A 248 37.27 -7.86 -8.88
C THR A 248 36.04 -8.29 -8.09
N VAL A 249 35.92 -9.60 -7.87
CA VAL A 249 34.80 -10.19 -7.13
C VAL A 249 35.36 -11.01 -5.97
N LYS A 250 35.01 -10.63 -4.75
CA LYS A 250 35.40 -11.35 -3.53
C LYS A 250 34.23 -12.13 -2.94
N THR A 251 34.48 -13.39 -2.62
CA THR A 251 33.47 -14.25 -2.00
C THR A 251 33.67 -14.32 -0.49
N GLU A 252 32.68 -14.87 0.21
CA GLU A 252 32.62 -14.85 1.68
C GLU A 252 33.75 -15.65 2.33
N ASP A 253 34.23 -16.68 1.63
CA ASP A 253 35.33 -17.51 2.11
C ASP A 253 36.67 -16.83 1.82
N ASN A 254 36.62 -15.57 1.40
CA ASN A 254 37.79 -14.74 1.12
C ASN A 254 38.51 -14.83 -0.23
N SER A 255 38.06 -15.72 -1.13
CA SER A 255 38.58 -15.76 -2.51
C SER A 255 38.30 -14.46 -3.27
N VAL A 256 39.27 -14.05 -4.09
CA VAL A 256 39.14 -12.85 -4.91
C VAL A 256 39.44 -13.22 -6.36
N TYR A 257 38.49 -12.90 -7.26
CA TYR A 257 38.58 -13.23 -8.68
C TYR A 257 38.62 -11.98 -9.54
N SER A 258 39.49 -12.00 -10.55
CA SER A 258 39.55 -10.94 -11.53
C SER A 258 38.75 -11.32 -12.79
N ALA A 259 38.15 -10.32 -13.42
CA ALA A 259 37.43 -10.50 -14.68
C ALA A 259 37.43 -9.21 -15.49
N ASP A 260 37.00 -9.31 -16.75
CA ASP A 260 36.80 -8.15 -17.57
C ASP A 260 35.43 -7.55 -17.26
N TYR A 261 34.48 -8.44 -16.96
CA TYR A 261 33.07 -8.08 -16.72
C TYR A 261 32.45 -8.97 -15.64
N VAL A 262 31.38 -8.46 -15.02
CA VAL A 262 30.58 -9.23 -14.06
C VAL A 262 29.10 -9.10 -14.40
N MET A 263 28.42 -10.24 -14.43
CA MET A 263 26.98 -10.30 -14.61
C MET A 263 26.32 -10.61 -13.25
N VAL A 264 25.63 -9.62 -12.68
CA VAL A 264 24.93 -9.81 -11.41
C VAL A 264 23.51 -10.33 -11.68
N SER A 265 23.21 -11.53 -11.19
CA SER A 265 21.89 -12.12 -11.40
C SER A 265 21.05 -12.27 -10.13
N ALA A 266 21.58 -11.83 -9.00
CA ALA A 266 20.88 -11.90 -7.71
C ALA A 266 19.60 -11.08 -7.78
N SER A 267 18.59 -11.53 -7.04
CA SER A 267 17.28 -10.90 -7.01
C SER A 267 17.33 -9.43 -6.58
N LEU A 268 16.27 -8.70 -6.95
CA LEU A 268 16.11 -7.33 -6.52
C LEU A 268 16.27 -7.22 -5.01
N GLY A 269 15.78 -8.22 -4.30
CA GLY A 269 15.80 -8.24 -2.83
C GLY A 269 17.21 -8.28 -2.28
N VAL A 270 18.06 -9.15 -2.87
CA VAL A 270 19.49 -9.22 -2.53
C VAL A 270 20.16 -7.87 -2.82
N LEU A 271 19.87 -7.30 -3.99
CA LEU A 271 20.36 -5.97 -4.31
C LEU A 271 19.90 -4.93 -3.29
N GLN A 272 18.68 -5.07 -2.78
CA GLN A 272 18.20 -4.11 -1.79
C GLN A 272 18.86 -4.32 -0.41
N SER A 273 19.32 -5.54 -0.13
CA SER A 273 20.08 -5.83 1.11
C SER A 273 21.53 -5.37 1.03
N ASP A 274 22.28 -5.62 2.09
CA ASP A 274 23.69 -5.29 2.13
C ASP A 274 24.59 -6.44 1.70
N LEU A 275 24.02 -7.55 1.26
CA LEU A 275 24.79 -8.77 0.98
C LEU A 275 26.00 -8.52 0.09
N ILE A 276 25.78 -7.81 -1.02
CA ILE A 276 26.84 -7.48 -1.95
C ILE A 276 27.19 -6.01 -1.82
N GLN A 277 28.46 -5.74 -1.50
CA GLN A 277 29.02 -4.41 -1.44
C GLN A 277 29.60 -4.06 -2.81
N PHE A 278 29.36 -2.83 -3.27
CA PHE A 278 29.91 -2.35 -4.54
C PHE A 278 30.93 -1.26 -4.26
N LYS A 279 32.17 -1.47 -4.68
CA LYS A 279 33.21 -0.44 -4.54
C LYS A 279 33.70 -0.06 -5.93
N PRO A 280 33.52 1.22 -6.31
CA PRO A 280 32.84 2.26 -5.53
C PRO A 280 31.33 2.04 -5.48
N LYS A 281 30.65 2.72 -4.56
CA LYS A 281 29.20 2.58 -4.43
C LYS A 281 28.50 2.93 -5.75
N LEU A 282 27.41 2.23 -6.05
CA LEU A 282 26.64 2.48 -7.27
C LEU A 282 26.14 3.93 -7.30
N PRO A 283 26.05 4.53 -8.51
CA PRO A 283 25.57 5.92 -8.57
C PRO A 283 24.15 6.10 -8.03
N THR A 284 23.84 7.32 -7.57
CA THR A 284 22.50 7.64 -7.08
C THR A 284 21.38 7.18 -8.01
N TRP A 285 21.48 7.50 -9.30
CA TRP A 285 20.43 7.10 -10.22
C TRP A 285 20.15 5.60 -10.09
N LYS A 286 21.21 4.79 -10.05
CA LYS A 286 21.04 3.34 -9.96
C LYS A 286 20.48 2.93 -8.61
N VAL A 287 20.92 3.60 -7.56
CA VAL A 287 20.50 3.25 -6.19
C VAL A 287 19.01 3.54 -5.95
N ARG A 288 18.52 4.68 -6.45
CA ARG A 288 17.11 5.05 -6.34
C ARG A 288 16.23 4.06 -7.09
N ALA A 289 16.70 3.69 -8.28
CA ALA A 289 16.04 2.70 -9.11
C ALA A 289 15.90 1.37 -8.36
N ILE A 290 16.98 0.92 -7.72
CA ILE A 290 16.95 -0.33 -6.94
C ILE A 290 15.92 -0.29 -5.79
N TYR A 291 15.93 0.78 -5.00
CA TYR A 291 15.07 0.84 -3.82
C TYR A 291 13.61 1.24 -4.08
N GLN A 292 13.32 1.72 -5.28
CA GLN A 292 11.94 2.10 -5.60
C GLN A 292 11.10 0.97 -6.18
N PHE A 293 11.73 -0.04 -6.77
CA PHE A 293 11.01 -1.22 -7.22
C PHE A 293 10.72 -2.15 -6.03
N ASP A 294 9.66 -2.95 -6.15
CA ASP A 294 9.24 -3.80 -5.05
C ASP A 294 9.62 -5.25 -5.24
N MET A 295 10.22 -5.83 -4.20
CA MET A 295 10.46 -7.26 -4.16
C MET A 295 9.37 -7.90 -3.31
N ALA A 296 8.39 -8.52 -3.95
CA ALA A 296 7.20 -9.03 -3.24
C ALA A 296 7.49 -10.39 -2.58
N VAL A 297 6.58 -10.83 -1.71
CA VAL A 297 6.67 -12.16 -1.09
C VAL A 297 5.41 -12.98 -1.38
N TYR A 298 5.61 -14.23 -1.74
CA TYR A 298 4.54 -15.15 -2.13
C TYR A 298 4.81 -16.46 -1.39
N THR A 299 3.95 -16.78 -0.43
CA THR A 299 4.17 -17.92 0.46
C THR A 299 3.21 -19.06 0.18
N MET A 300 3.77 -20.17 -0.33
CA MET A 300 3.01 -21.36 -0.64
C MET A 300 3.01 -22.32 0.53
N ILE A 301 2.06 -22.14 1.45
CA ILE A 301 1.90 -23.01 2.61
C ILE A 301 1.23 -24.33 2.22
N PHE A 302 1.96 -25.43 2.47
CA PHE A 302 1.52 -26.77 2.15
C PHE A 302 1.13 -27.50 3.42
N LEU A 303 0.03 -28.27 3.35
CA LEU A 303 -0.46 -29.00 4.50
C LEU A 303 -0.77 -30.46 4.15
N LYS A 304 -0.48 -31.36 5.08
CA LYS A 304 -0.78 -32.81 4.96
C LYS A 304 -1.83 -33.29 5.98
N PHE A 305 -2.83 -34.04 5.51
CA PHE A 305 -3.91 -34.53 6.38
C PHE A 305 -4.05 -36.06 6.42
N PRO A 306 -4.52 -36.62 7.56
CA PRO A 306 -4.80 -38.07 7.71
C PRO A 306 -5.87 -38.56 6.73
N ARG A 307 -6.95 -37.79 6.60
CA ARG A 307 -8.02 -38.06 5.63
C ARG A 307 -8.36 -36.74 4.92
N LYS A 308 -9.13 -36.80 3.85
CA LYS A 308 -9.59 -35.59 3.18
C LYS A 308 -10.98 -35.20 3.69
N PHE A 309 -11.34 -33.93 3.57
CA PHE A 309 -12.63 -33.43 4.07
C PHE A 309 -13.19 -32.33 3.18
N TRP A 310 -12.52 -32.07 2.06
CA TRP A 310 -12.90 -31.01 1.16
C TRP A 310 -13.49 -31.59 -0.12
N PRO A 311 -14.28 -30.79 -0.86
CA PRO A 311 -14.82 -31.25 -2.13
C PRO A 311 -13.74 -31.69 -3.13
N GLU A 312 -14.14 -32.51 -4.09
CA GLU A 312 -13.31 -32.94 -5.21
C GLU A 312 -14.19 -33.12 -6.42
N GLY A 313 -13.58 -33.13 -7.61
CA GLY A 313 -14.34 -33.25 -8.84
C GLY A 313 -14.29 -31.97 -9.63
N LYS A 314 -15.17 -31.86 -10.62
CA LYS A 314 -15.21 -30.72 -11.55
C LYS A 314 -15.17 -29.38 -10.80
N GLY A 315 -14.32 -28.47 -11.27
CA GLY A 315 -14.17 -27.13 -10.66
C GLY A 315 -13.84 -26.97 -9.18
N ARG A 316 -13.24 -27.99 -8.57
CA ARG A 316 -12.95 -27.98 -7.12
C ARG A 316 -11.49 -27.69 -6.72
N GLU A 317 -10.62 -27.52 -7.72
CA GLU A 317 -9.18 -27.38 -7.50
C GLU A 317 -8.83 -26.12 -6.74
N PHE A 318 -9.46 -25.00 -7.12
CA PHE A 318 -9.24 -23.72 -6.45
C PHE A 318 -10.48 -23.29 -5.73
N PHE A 319 -10.30 -22.79 -4.51
CA PHE A 319 -11.39 -22.26 -3.72
C PHE A 319 -10.92 -21.15 -2.79
N LEU A 320 -11.84 -20.24 -2.47
CA LEU A 320 -11.48 -19.04 -1.75
C LEU A 320 -12.18 -18.96 -0.39
N TYR A 321 -11.53 -18.27 0.54
CA TYR A 321 -12.07 -18.01 1.85
C TYR A 321 -12.25 -16.50 2.01
N ALA A 322 -13.50 -16.05 2.10
CA ALA A 322 -13.78 -14.62 2.17
C ALA A 322 -13.71 -14.17 3.61
N SER A 323 -12.48 -14.02 4.12
CA SER A 323 -12.28 -13.49 5.47
C SER A 323 -12.71 -12.02 5.53
N SER A 324 -13.07 -11.54 6.71
CA SER A 324 -13.33 -10.14 6.86
C SER A 324 -11.99 -9.40 6.93
N ARG A 325 -10.93 -10.18 7.08
CA ARG A 325 -9.58 -9.65 7.20
C ARG A 325 -8.84 -9.89 5.89
N ARG A 326 -8.68 -8.84 5.09
CA ARG A 326 -8.21 -8.95 3.72
C ARG A 326 -6.93 -9.78 3.60
N GLY A 327 -6.94 -10.78 2.73
CA GLY A 327 -5.73 -11.55 2.45
C GLY A 327 -5.35 -12.56 3.51
N TYR A 328 -6.31 -12.89 4.36
CA TYR A 328 -6.11 -13.85 5.44
C TYR A 328 -6.48 -15.27 4.97
N TYR A 329 -5.46 -16.07 4.66
CA TYR A 329 -5.65 -17.48 4.23
C TYR A 329 -6.77 -17.64 3.20
N GLY A 330 -6.67 -16.89 2.11
CA GLY A 330 -7.79 -16.72 1.21
C GLY A 330 -7.81 -17.50 -0.09
N VAL A 331 -6.66 -18.01 -0.55
CA VAL A 331 -6.64 -18.74 -1.83
C VAL A 331 -6.14 -20.16 -1.59
N TRP A 332 -6.99 -21.14 -1.92
CA TRP A 332 -6.72 -22.54 -1.59
C TRP A 332 -6.67 -23.39 -2.83
N GLN A 333 -5.78 -24.37 -2.81
CA GLN A 333 -5.68 -25.31 -3.92
C GLN A 333 -5.65 -26.75 -3.42
N GLU A 334 -6.38 -27.62 -4.10
CA GLU A 334 -6.33 -29.06 -3.81
C GLU A 334 -5.85 -29.87 -5.01
N PHE A 335 -5.17 -30.98 -4.72
CA PHE A 335 -4.38 -31.68 -5.73
C PHE A 335 -4.86 -33.08 -6.08
N GLU A 336 -6.16 -33.23 -6.28
CA GLU A 336 -6.71 -34.51 -6.75
C GLU A 336 -6.01 -34.98 -8.03
N LYS A 337 -5.81 -34.07 -8.99
CA LYS A 337 -5.10 -34.40 -10.22
C LYS A 337 -3.61 -34.62 -10.00
N GLN A 338 -2.96 -33.63 -9.42
CA GLN A 338 -1.50 -33.59 -9.34
C GLN A 338 -0.92 -34.65 -8.42
N TYR A 339 -1.42 -34.73 -7.19
CA TYR A 339 -0.91 -35.71 -6.23
C TYR A 339 -2.03 -36.58 -5.71
N PRO A 340 -2.63 -37.42 -6.59
CA PRO A 340 -3.84 -38.14 -6.20
C PRO A 340 -3.53 -38.99 -4.98
N ASP A 341 -4.51 -39.14 -4.09
CA ASP A 341 -4.30 -39.84 -2.83
C ASP A 341 -3.00 -39.35 -2.15
N ALA A 342 -2.96 -38.05 -1.83
CA ALA A 342 -1.86 -37.48 -1.08
C ALA A 342 -2.40 -36.78 0.16
N ASN A 343 -3.60 -36.22 0.06
CA ASN A 343 -4.22 -35.43 1.14
C ASN A 343 -3.47 -34.13 1.46
N VAL A 344 -3.19 -33.36 0.42
CA VAL A 344 -2.44 -32.13 0.59
C VAL A 344 -3.26 -30.92 0.15
N LEU A 345 -3.26 -29.88 0.97
CA LEU A 345 -3.87 -28.61 0.59
C LEU A 345 -2.79 -27.57 0.44
N LEU A 346 -3.04 -26.59 -0.43
CA LEU A 346 -2.14 -25.46 -0.57
C LEU A 346 -2.90 -24.16 -0.33
N VAL A 347 -2.54 -23.47 0.75
CA VAL A 347 -3.01 -22.10 0.92
C VAL A 347 -1.86 -21.11 0.63
N THR A 348 -2.18 -20.05 -0.11
CA THR A 348 -1.22 -19.01 -0.47
C THR A 348 -1.50 -17.72 0.30
N VAL A 349 -0.43 -17.07 0.76
CA VAL A 349 -0.49 -15.75 1.39
C VAL A 349 0.63 -14.87 0.83
N THR A 350 0.47 -13.56 0.90
CA THR A 350 1.43 -12.65 0.31
C THR A 350 1.71 -11.46 1.20
N ASP A 351 2.68 -10.65 0.81
CA ASP A 351 2.90 -9.35 1.41
C ASP A 351 2.96 -9.36 2.92
N GLU A 352 2.03 -8.65 3.54
CA GLU A 352 2.03 -8.39 4.95
C GLU A 352 1.87 -9.67 5.76
N GLU A 353 1.11 -10.59 5.21
CA GLU A 353 0.81 -11.83 5.90
C GLU A 353 1.96 -12.80 5.77
N SER A 354 2.69 -12.69 4.68
CA SER A 354 3.88 -13.49 4.49
C SER A 354 4.91 -13.14 5.54
N ARG A 355 5.18 -11.86 5.69
CA ARG A 355 6.21 -11.41 6.62
C ARG A 355 5.87 -11.75 8.07
N ARG A 356 4.58 -11.69 8.43
CA ARG A 356 4.12 -12.07 9.76
C ARG A 356 4.28 -13.56 9.93
N ILE A 357 3.81 -14.31 8.94
CA ILE A 357 3.81 -15.77 9.00
C ILE A 357 5.23 -16.36 9.00
N GLU A 358 6.12 -15.84 8.16
CA GLU A 358 7.53 -16.32 8.13
C GLU A 358 8.22 -16.17 9.46
N GLN A 359 7.85 -15.13 10.20
CA GLN A 359 8.42 -14.89 11.50
C GLN A 359 7.85 -15.74 12.64
N GLN A 360 6.69 -16.35 12.43
CA GLN A 360 6.04 -17.11 13.51
C GLN A 360 6.26 -18.62 13.40
N SER A 361 6.08 -19.33 14.51
CA SER A 361 6.34 -20.77 14.53
C SER A 361 5.37 -21.47 13.61
N ASP A 362 5.84 -22.57 13.02
CA ASP A 362 5.03 -23.41 12.13
C ASP A 362 3.78 -23.93 12.81
N GLU A 363 3.89 -24.28 14.09
CA GLU A 363 2.77 -24.75 14.92
CA GLU A 363 2.73 -24.80 14.80
C GLU A 363 1.64 -23.74 14.92
N GLN A 364 1.97 -22.54 15.40
CA GLN A 364 1.02 -21.42 15.46
CA GLN A 364 0.95 -21.49 15.49
C GLN A 364 0.30 -21.21 14.12
N THR A 365 1.08 -21.28 13.04
CA THR A 365 0.55 -21.09 11.69
C THR A 365 -0.50 -22.15 11.40
N LYS A 366 -0.13 -23.40 11.70
CA LYS A 366 -1.05 -24.51 11.53
C LYS A 366 -2.32 -24.36 12.39
N ALA A 367 -2.16 -23.84 13.61
CA ALA A 367 -3.30 -23.60 14.48
C ALA A 367 -4.29 -22.65 13.81
N GLU A 368 -3.77 -21.51 13.32
CA GLU A 368 -4.56 -20.54 12.58
C GLU A 368 -5.27 -21.18 11.39
N ILE A 369 -4.53 -21.96 10.60
CA ILE A 369 -5.07 -22.61 9.41
C ILE A 369 -6.18 -23.61 9.77
N MET A 370 -5.98 -24.34 10.87
CA MET A 370 -6.99 -25.29 11.32
C MET A 370 -8.28 -24.58 11.70
N GLN A 371 -8.13 -23.51 12.48
CA GLN A 371 -9.27 -22.71 12.84
C GLN A 371 -10.06 -22.27 11.60
N VAL A 372 -9.37 -21.76 10.59
CA VAL A 372 -10.02 -21.37 9.33
C VAL A 372 -10.71 -22.56 8.68
N LEU A 373 -10.02 -23.69 8.57
CA LEU A 373 -10.55 -24.86 7.88
C LEU A 373 -11.81 -25.42 8.55
N ARG A 374 -11.86 -25.31 9.88
CA ARG A 374 -13.02 -25.76 10.63
C ARG A 374 -14.24 -24.87 10.41
N LYS A 375 -14.00 -23.58 10.25
CA LYS A 375 -15.06 -22.63 9.89
C LYS A 375 -15.58 -22.87 8.48
N MET A 376 -14.70 -23.27 7.58
CA MET A 376 -15.05 -23.51 6.18
C MET A 376 -15.83 -24.80 6.00
N PHE A 377 -15.58 -25.77 6.87
CA PHE A 377 -16.19 -27.10 6.76
C PHE A 377 -16.79 -27.55 8.09
N PRO A 378 -17.72 -26.77 8.66
CA PRO A 378 -18.23 -27.21 9.96
C PRO A 378 -19.11 -28.45 9.77
N GLY A 379 -19.08 -29.38 10.70
CA GLY A 379 -19.87 -30.60 10.55
C GLY A 379 -19.23 -31.65 9.67
N LYS A 380 -18.13 -31.32 8.99
CA LYS A 380 -17.17 -32.33 8.56
C LYS A 380 -16.28 -32.51 9.78
N ASP A 381 -15.62 -33.65 9.91
CA ASP A 381 -14.73 -33.86 11.05
C ASP A 381 -13.30 -33.68 10.57
N VAL A 382 -12.79 -32.45 10.67
CA VAL A 382 -11.53 -32.09 10.05
C VAL A 382 -10.32 -32.27 10.97
N PRO A 383 -9.44 -33.23 10.60
CA PRO A 383 -8.29 -33.63 11.41
C PRO A 383 -7.18 -32.61 11.35
N ASP A 384 -6.44 -32.45 12.45
CA ASP A 384 -5.21 -31.67 12.45
C ASP A 384 -4.33 -32.09 11.26
N ALA A 385 -3.59 -31.12 10.71
CA ALA A 385 -2.61 -31.43 9.70
C ALA A 385 -1.42 -32.17 10.34
N THR A 386 -1.13 -33.33 9.77
CA THR A 386 0.04 -34.17 10.07
C THR A 386 1.32 -33.35 9.95
N ASP A 387 1.36 -32.50 8.94
CA ASP A 387 2.60 -31.88 8.51
C ASP A 387 2.34 -30.53 7.82
N ILE A 388 3.24 -29.57 8.05
CA ILE A 388 3.12 -28.23 7.44
C ILE A 388 4.43 -27.78 6.77
N LEU A 389 4.32 -27.08 5.64
CA LEU A 389 5.48 -26.49 4.99
C LEU A 389 5.30 -25.01 4.73
N VAL A 390 6.12 -24.19 5.37
CA VAL A 390 6.08 -22.72 5.20
C VAL A 390 7.40 -22.20 4.58
N PRO A 391 7.42 -22.03 3.23
CA PRO A 391 8.63 -21.52 2.56
C PRO A 391 8.98 -20.11 3.01
N ARG A 392 10.23 -19.91 3.41
CA ARG A 392 10.62 -18.63 3.99
C ARG A 392 11.62 -17.88 3.11
N TRP A 393 11.18 -17.59 1.88
CA TRP A 393 11.98 -16.89 0.88
C TRP A 393 12.41 -15.49 1.33
N TRP A 394 11.53 -14.77 2.00
CA TRP A 394 11.86 -13.42 2.40
C TRP A 394 12.96 -13.43 3.46
N SER A 395 12.92 -14.41 4.35
CA SER A 395 13.91 -14.51 5.42
C SER A 395 15.28 -14.85 4.88
N ASP A 396 15.31 -15.68 3.84
CA ASP A 396 16.54 -16.13 3.20
C ASP A 396 17.39 -15.01 2.60
N ARG A 397 18.64 -14.91 3.06
CA ARG A 397 19.55 -13.86 2.58
C ARG A 397 19.86 -13.91 1.08
N PHE A 398 19.68 -15.07 0.45
CA PHE A 398 20.02 -15.17 -0.96
C PHE A 398 18.85 -14.81 -1.88
N TYR A 399 17.68 -14.58 -1.29
CA TYR A 399 16.49 -14.24 -2.07
C TYR A 399 15.75 -13.01 -1.56
N LYS A 400 15.51 -12.93 -0.26
CA LYS A 400 14.85 -11.76 0.35
C LYS A 400 13.52 -11.39 -0.34
N GLY A 401 12.80 -12.42 -0.75
CA GLY A 401 11.52 -12.25 -1.45
C GLY A 401 11.32 -13.34 -2.48
N THR A 402 10.24 -13.25 -3.25
CA THR A 402 9.94 -14.28 -4.25
C THR A 402 10.02 -13.77 -5.70
N PHE A 403 9.59 -12.53 -5.93
CA PHE A 403 9.67 -11.89 -7.25
C PHE A 403 9.34 -10.40 -7.17
N SER A 404 9.82 -9.64 -8.15
CA SER A 404 9.57 -8.20 -8.22
C SER A 404 8.13 -7.90 -8.60
N ASN A 405 7.68 -6.70 -8.24
CA ASN A 405 6.38 -6.16 -8.64
C ASN A 405 6.58 -4.71 -9.02
N TRP A 406 5.93 -4.30 -10.10
CA TRP A 406 6.04 -2.92 -10.59
C TRP A 406 5.13 -1.97 -9.78
N PRO A 407 5.75 -1.08 -8.98
CA PRO A 407 4.96 -0.22 -8.10
C PRO A 407 4.54 1.07 -8.79
N VAL A 408 3.57 1.77 -8.21
CA VAL A 408 3.10 3.04 -8.76
C VAL A 408 4.16 4.11 -8.49
N GLY A 409 4.39 4.95 -9.49
CA GLY A 409 5.43 5.96 -9.40
C GLY A 409 6.71 5.53 -10.10
N VAL A 410 6.78 4.30 -10.57
CA VAL A 410 7.91 3.87 -11.38
C VAL A 410 7.53 3.87 -12.85
N ASN A 411 8.22 4.69 -13.64
CA ASN A 411 7.97 4.75 -15.08
C ASN A 411 8.97 3.92 -15.85
N ARG A 412 8.82 3.85 -17.18
CA ARG A 412 9.62 2.95 -18.00
C ARG A 412 11.10 3.34 -17.98
N TYR A 413 11.38 4.63 -17.91
CA TYR A 413 12.75 5.12 -17.86
C TYR A 413 13.43 4.59 -16.60
N GLU A 414 12.75 4.78 -15.46
CA GLU A 414 13.26 4.39 -14.16
C GLU A 414 13.47 2.87 -14.03
N TYR A 415 12.58 2.10 -14.65
CA TYR A 415 12.75 0.65 -14.75
C TYR A 415 13.94 0.29 -15.59
N ASP A 416 14.20 1.08 -16.65
CA ASP A 416 15.36 0.82 -17.50
C ASP A 416 16.69 1.12 -16.79
N GLN A 417 16.67 2.07 -15.87
CA GLN A 417 17.83 2.35 -15.02
C GLN A 417 18.20 1.19 -14.10
N LEU A 418 17.20 0.39 -13.73
CA LEU A 418 17.40 -0.81 -12.93
C LEU A 418 18.23 -1.86 -13.70
N ARG A 419 18.00 -1.93 -14.99
CA ARG A 419 18.65 -2.91 -15.85
C ARG A 419 20.00 -2.46 -16.37
N ALA A 420 20.17 -1.14 -16.49
CA ALA A 420 21.37 -0.53 -17.08
C ALA A 420 22.66 -1.02 -16.42
N PRO A 421 23.69 -1.30 -17.23
CA PRO A 421 24.97 -1.62 -16.61
C PRO A 421 25.57 -0.42 -15.91
N VAL A 422 26.50 -0.67 -15.00
CA VAL A 422 27.35 0.38 -14.44
C VAL A 422 28.79 -0.05 -14.72
N GLY A 423 29.45 0.66 -15.61
CA GLY A 423 30.80 0.31 -16.04
C GLY A 423 30.84 -1.11 -16.57
N ARG A 424 31.73 -1.90 -15.98
CA ARG A 424 31.87 -3.32 -16.29
C ARG A 424 30.93 -4.24 -15.51
N VAL A 425 30.06 -3.64 -14.68
CA VAL A 425 29.06 -4.38 -13.91
C VAL A 425 27.74 -4.39 -14.67
N TYR A 426 27.30 -5.59 -15.07
CA TYR A 426 26.05 -5.78 -15.80
C TYR A 426 25.02 -6.42 -14.89
N PHE A 427 23.75 -6.15 -15.18
CA PHE A 427 22.65 -6.70 -14.37
C PHE A 427 21.70 -7.59 -15.16
N THR A 428 21.25 -8.66 -14.53
CA THR A 428 20.27 -9.57 -15.11
C THR A 428 19.36 -10.13 -14.02
N GLY A 429 18.31 -10.85 -14.42
CA GLY A 429 17.32 -11.37 -13.48
C GLY A 429 15.94 -10.95 -13.90
N GLU A 430 14.92 -11.67 -13.43
CA GLU A 430 13.53 -11.34 -13.76
C GLU A 430 13.23 -9.84 -13.62
N HIS A 431 13.88 -9.20 -12.65
CA HIS A 431 13.64 -7.80 -12.35
C HIS A 431 14.25 -6.88 -13.38
N THR A 432 14.97 -7.44 -14.35
CA THR A 432 15.51 -6.67 -15.47
C THR A 432 14.76 -6.97 -16.78
N SER A 433 13.86 -7.96 -16.74
CA SER A 433 13.02 -8.32 -17.88
C SER A 433 12.20 -7.14 -18.41
N GLU A 434 12.33 -6.88 -19.71
CA GLU A 434 11.67 -5.76 -20.38
CA GLU A 434 11.67 -5.74 -20.34
C GLU A 434 10.16 -5.72 -20.14
N HIS A 435 9.47 -6.79 -20.52
CA HIS A 435 8.01 -6.84 -20.35
C HIS A 435 7.53 -8.03 -19.49
N TYR A 436 8.47 -8.83 -18.98
CA TYR A 436 8.06 -10.02 -18.22
C TYR A 436 8.70 -10.16 -16.83
N ASN A 437 8.90 -9.04 -16.13
CA ASN A 437 9.36 -9.13 -14.76
C ASN A 437 8.43 -10.00 -13.90
N GLY A 438 9.02 -10.77 -12.99
CA GLY A 438 8.27 -11.62 -12.05
C GLY A 438 8.02 -13.06 -12.47
N TYR A 439 8.60 -13.48 -13.60
CA TYR A 439 8.29 -14.78 -14.20
C TYR A 439 9.51 -15.59 -14.62
N VAL A 440 9.37 -16.92 -14.67
CA VAL A 440 10.43 -17.80 -15.15
C VAL A 440 10.92 -17.40 -16.54
N HIS A 441 9.98 -17.23 -17.47
CA HIS A 441 10.30 -16.80 -18.82
C HIS A 441 10.95 -15.42 -18.85
N GLY A 442 10.55 -14.55 -17.93
CA GLY A 442 11.16 -13.21 -17.81
C GLY A 442 12.63 -13.29 -17.45
N ALA A 443 12.94 -14.13 -16.46
CA ALA A 443 14.31 -14.42 -16.06
C ALA A 443 15.09 -15.05 -17.23
N TYR A 444 14.46 -15.98 -17.94
CA TYR A 444 15.13 -16.67 -19.03
C TYR A 444 15.49 -15.68 -20.15
N LEU A 445 14.49 -14.91 -20.59
CA LEU A 445 14.73 -13.91 -21.61
C LEU A 445 15.68 -12.79 -21.18
N SER A 446 15.70 -12.48 -19.88
CA SER A 446 16.57 -11.43 -19.34
C SER A 446 18.06 -11.80 -19.38
N GLY A 447 18.35 -13.08 -19.15
CA GLY A 447 19.71 -13.57 -19.27
C GLY A 447 20.22 -13.34 -20.68
N ILE A 448 19.41 -13.73 -21.67
CA ILE A 448 19.75 -13.51 -23.09
C ILE A 448 19.99 -12.03 -23.38
N ASP A 449 19.07 -11.16 -22.94
CA ASP A 449 19.17 -9.73 -23.24
C ASP A 449 20.41 -9.11 -22.61
N SER A 450 20.64 -9.38 -21.32
CA SER A 450 21.83 -8.89 -20.64
C SER A 450 23.09 -9.36 -21.33
N ALA A 451 23.21 -10.67 -21.53
CA ALA A 451 24.37 -11.25 -22.21
C ALA A 451 24.64 -10.54 -23.52
N GLU A 452 23.63 -10.30 -24.31
CA GLU A 452 23.83 -9.62 -25.58
C GLU A 452 24.30 -8.17 -25.49
N ILE A 453 23.99 -7.48 -24.40
CA ILE A 453 24.43 -6.11 -24.20
C ILE A 453 25.92 -6.08 -23.93
N LEU A 454 26.39 -7.11 -23.27
CA LEU A 454 27.77 -7.29 -22.92
C LEU A 454 28.59 -7.79 -24.10
N ILE A 455 28.05 -8.76 -24.83
CA ILE A 455 28.70 -9.26 -26.02
C ILE A 455 28.91 -8.13 -27.00
N ASN A 456 28.04 -7.13 -26.94
CA ASN A 456 28.10 -6.01 -27.83
C ASN A 456 29.12 -5.03 -27.35
N CYS A 457 29.74 -5.36 -26.22
CA CYS A 457 30.75 -4.49 -25.65
CA CYS A 457 30.72 -4.49 -25.59
C CYS A 457 32.07 -5.14 -25.86
N ALA A 458 32.15 -6.42 -25.51
CA ALA A 458 33.38 -7.16 -25.60
C ALA A 458 33.80 -7.31 -27.04
N GLN A 459 32.87 -7.71 -27.88
CA GLN A 459 33.20 -7.99 -29.27
C GLN A 459 33.07 -6.77 -30.17
N LYS A 460 31.94 -6.09 -30.08
CA LYS A 460 31.63 -4.99 -30.97
C LYS A 460 32.12 -3.64 -30.47
N LYS A 461 32.47 -3.58 -29.20
CA LYS A 461 33.06 -2.38 -28.64
C LYS A 461 32.06 -1.23 -28.47
N MET A 462 30.79 -1.57 -28.49
CA MET A 462 29.73 -0.62 -28.19
C MET A 462 29.46 -0.72 -26.71
N CYS A 463 29.89 0.29 -25.96
CA CYS A 463 29.85 0.21 -24.51
CA CYS A 463 29.87 0.22 -24.50
C CYS A 463 28.98 1.21 -23.76
N LYS A 464 28.73 2.37 -24.34
CA LYS A 464 27.86 3.35 -23.70
C LYS A 464 26.46 2.77 -23.91
N TYR A 465 25.75 2.54 -22.81
CA TYR A 465 24.40 2.01 -22.89
C TYR A 465 23.45 3.20 -22.72
N HIS A 466 22.43 3.31 -23.58
CA HIS A 466 21.53 4.46 -23.50
C HIS A 466 20.19 4.10 -22.84
N VAL A 467 20.01 4.63 -21.63
CA VAL A 467 18.79 4.43 -20.83
C VAL A 467 17.61 5.07 -21.54
N GLN A 468 16.45 4.39 -21.49
CA GLN A 468 15.28 4.80 -22.28
C GLN A 468 13.95 4.61 -21.53
N GLY B 4 -30.81 34.53 -8.63
CA GLY B 4 -30.43 34.15 -7.23
C GLY B 4 -29.16 34.84 -6.73
N PRO B 5 -28.63 34.39 -5.57
CA PRO B 5 -27.45 35.05 -4.96
C PRO B 5 -26.18 34.93 -5.82
N ARG B 6 -25.19 35.75 -5.50
CA ARG B 6 -23.96 35.76 -6.26
CA ARG B 6 -23.93 35.77 -6.25
C ARG B 6 -23.22 34.41 -6.16
N VAL B 7 -23.02 33.93 -4.93
CA VAL B 7 -22.33 32.66 -4.69
C VAL B 7 -23.14 31.75 -3.78
N ILE B 8 -23.21 30.47 -4.15
CA ILE B 8 -23.64 29.42 -3.25
C ILE B 8 -22.40 28.67 -2.76
N VAL B 9 -22.31 28.49 -1.44
CA VAL B 9 -21.26 27.69 -0.82
C VAL B 9 -21.88 26.37 -0.38
N VAL B 10 -21.47 25.28 -1.02
CA VAL B 10 -21.93 23.95 -0.60
C VAL B 10 -21.10 23.51 0.60
N GLY B 11 -21.78 23.30 1.73
CA GLY B 11 -21.13 22.79 2.93
C GLY B 11 -20.66 23.90 3.84
N ALA B 12 -20.83 23.67 5.16
CA ALA B 12 -20.51 24.66 6.21
C ALA B 12 -19.61 24.08 7.32
N GLY B 13 -18.54 23.40 6.92
CA GLY B 13 -17.46 23.06 7.85
C GLY B 13 -16.51 24.23 7.93
N MET B 14 -15.28 23.98 8.37
CA MET B 14 -14.26 25.03 8.52
C MET B 14 -14.02 25.84 7.24
N SER B 15 -13.85 25.14 6.12
CA SER B 15 -13.51 25.79 4.87
C SER B 15 -14.70 26.53 4.26
N GLY B 16 -15.90 25.97 4.41
CA GLY B 16 -17.13 26.63 3.97
C GLY B 16 -17.30 27.96 4.70
N ILE B 17 -17.25 27.90 6.02
CA ILE B 17 -17.36 29.07 6.87
C ILE B 17 -16.22 30.08 6.58
N SER B 18 -15.01 29.58 6.41
CA SER B 18 -13.88 30.45 6.09
C SER B 18 -14.01 31.11 4.71
N ALA B 19 -14.39 30.33 3.70
CA ALA B 19 -14.61 30.87 2.36
C ALA B 19 -15.67 31.97 2.38
N ALA B 20 -16.81 31.69 3.01
CA ALA B 20 -17.91 32.66 3.13
C ALA B 20 -17.51 33.92 3.90
N LYS B 21 -16.72 33.77 4.96
CA LYS B 21 -16.21 34.91 5.72
C LYS B 21 -15.43 35.84 4.82
N ARG B 22 -14.51 35.24 4.05
CA ARG B 22 -13.60 35.96 3.17
C ARG B 22 -14.34 36.64 2.00
N LEU B 23 -15.31 35.92 1.43
CA LEU B 23 -16.18 36.48 0.41
C LEU B 23 -16.89 37.69 0.96
N SER B 24 -17.43 37.56 2.17
CA SER B 24 -18.13 38.63 2.87
C SER B 24 -17.21 39.83 3.03
N GLU B 25 -16.02 39.59 3.59
CA GLU B 25 -15.03 40.65 3.73
C GLU B 25 -14.75 41.37 2.42
N ALA B 26 -14.77 40.63 1.31
CA ALA B 26 -14.44 41.20 0.02
C ALA B 26 -15.58 42.01 -0.55
N GLY B 27 -16.69 42.04 0.18
CA GLY B 27 -17.90 42.73 -0.26
C GLY B 27 -18.91 41.82 -0.94
N ILE B 28 -18.52 40.61 -1.33
CA ILE B 28 -19.48 39.65 -1.86
C ILE B 28 -20.27 39.06 -0.69
N THR B 29 -21.25 39.82 -0.21
CA THR B 29 -22.10 39.36 0.92
C THR B 29 -23.39 38.63 0.47
N ASP B 30 -23.69 38.64 -0.83
CA ASP B 30 -24.86 37.95 -1.40
C ASP B 30 -24.61 36.44 -1.51
N LEU B 31 -24.45 35.81 -0.34
CA LEU B 31 -24.09 34.40 -0.22
C LEU B 31 -25.28 33.55 0.16
N LEU B 32 -25.18 32.26 -0.15
CA LEU B 32 -26.07 31.26 0.39
C LEU B 32 -25.22 30.04 0.75
N ILE B 33 -25.25 29.66 2.03
CA ILE B 33 -24.55 28.48 2.47
C ILE B 33 -25.55 27.35 2.64
N LEU B 34 -25.33 26.27 1.90
CA LEU B 34 -26.19 25.09 1.97
C LEU B 34 -25.44 23.97 2.68
N GLU B 35 -25.99 23.50 3.80
CA GLU B 35 -25.33 22.47 4.59
C GLU B 35 -26.21 21.24 4.74
N ALA B 36 -25.63 20.07 4.45
CA ALA B 36 -26.33 18.79 4.47
C ALA B 36 -26.92 18.43 5.83
N THR B 37 -26.16 18.69 6.90
CA THR B 37 -26.56 18.25 8.24
C THR B 37 -27.39 19.33 8.93
N ASP B 38 -27.66 19.12 10.21
CA ASP B 38 -28.43 20.07 11.03
C ASP B 38 -27.52 21.01 11.83
N HIS B 39 -26.25 21.07 11.45
CA HIS B 39 -25.27 21.89 12.19
C HIS B 39 -24.10 22.31 11.32
N ILE B 40 -23.37 23.31 11.79
CA ILE B 40 -22.12 23.69 11.16
C ILE B 40 -20.94 23.02 11.91
N GLY B 41 -19.75 23.08 11.31
CA GLY B 41 -18.55 22.48 11.91
C GLY B 41 -17.96 21.30 11.17
N GLY B 42 -18.79 20.55 10.44
CA GLY B 42 -18.33 19.41 9.64
C GLY B 42 -17.51 18.39 10.41
N ARG B 43 -16.24 18.28 10.06
CA ARG B 43 -15.35 17.26 10.61
C ARG B 43 -14.76 17.64 11.96
N MET B 44 -15.16 18.80 12.44
CA MET B 44 -14.87 19.23 13.80
C MET B 44 -16.18 19.04 14.55
N HIS B 45 -16.31 17.91 15.23
CA HIS B 45 -17.59 17.52 15.79
C HIS B 45 -17.53 16.77 17.12
N LYS B 46 -18.21 17.36 18.12
CA LYS B 46 -18.27 16.80 19.47
C LYS B 46 -19.51 15.92 19.64
N THR B 47 -19.49 15.09 20.69
CA THR B 47 -20.61 14.21 21.02
C THR B 47 -20.54 13.92 22.50
N ASN B 48 -21.68 13.61 23.09
CA ASN B 48 -21.70 13.24 24.49
C ASN B 48 -21.43 11.75 24.63
N PHE B 49 -20.35 11.43 25.33
CA PHE B 49 -20.02 10.04 25.55
C PHE B 49 -20.04 9.74 27.04
N ALA B 50 -20.94 8.83 27.40
CA ALA B 50 -21.10 8.41 28.79
C ALA B 50 -20.84 9.59 29.74
N GLY B 51 -21.57 10.68 29.53
CA GLY B 51 -21.56 11.80 30.44
C GLY B 51 -20.74 13.02 30.07
N ILE B 52 -19.69 12.83 29.28
CA ILE B 52 -18.86 13.98 28.89
C ILE B 52 -18.85 14.21 27.39
N ASN B 53 -18.45 15.42 27.00
CA ASN B 53 -18.25 15.74 25.60
C ASN B 53 -16.86 15.30 25.15
N VAL B 54 -16.82 14.52 24.08
CA VAL B 54 -15.57 14.13 23.42
C VAL B 54 -15.62 14.45 21.92
N GLU B 55 -14.46 14.59 21.28
CA GLU B 55 -14.41 14.85 19.84
C GLU B 55 -14.52 13.55 19.03
N LEU B 56 -15.32 13.59 17.97
CA LEU B 56 -15.41 12.46 17.03
C LEU B 56 -14.52 12.69 15.82
N GLY B 57 -14.12 13.95 15.60
CA GLY B 57 -13.24 14.30 14.51
C GLY B 57 -11.93 14.90 14.99
N ALA B 58 -11.61 16.10 14.49
CA ALA B 58 -10.42 16.82 14.91
C ALA B 58 -10.36 16.89 16.42
N ASN B 59 -9.16 16.80 16.97
CA ASN B 59 -9.00 16.88 18.42
C ASN B 59 -7.80 17.70 18.82
N TRP B 60 -6.83 17.84 17.92
CA TRP B 60 -5.63 18.62 18.21
C TRP B 60 -5.53 19.85 17.35
N VAL B 61 -4.92 20.89 17.92
CA VAL B 61 -4.35 21.97 17.12
C VAL B 61 -2.93 21.48 16.83
N GLU B 62 -2.62 21.25 15.56
CA GLU B 62 -1.32 20.69 15.20
C GLU B 62 -0.41 21.74 14.58
N GLY B 63 0.83 21.81 15.08
CA GLY B 63 1.76 22.88 14.71
C GLY B 63 1.61 24.11 15.60
N VAL B 64 2.33 24.13 16.72
CA VAL B 64 2.31 25.22 17.69
C VAL B 64 3.73 25.44 18.25
N ASN B 65 4.10 26.71 18.49
CA ASN B 65 5.39 27.11 19.11
C ASN B 65 6.58 27.30 18.17
N GLY B 66 6.38 27.10 16.87
CA GLY B 66 7.44 27.26 15.89
C GLY B 66 7.59 28.66 15.32
N GLY B 67 8.18 28.74 14.12
CA GLY B 67 8.51 30.01 13.48
C GLY B 67 7.34 30.91 13.12
N LYS B 68 6.23 30.31 12.69
CA LYS B 68 5.06 31.10 12.31
C LYS B 68 3.86 30.72 13.18
N MET B 69 2.88 31.60 13.24
CA MET B 69 1.67 31.36 14.04
C MET B 69 0.63 30.55 13.26
N ASN B 70 0.19 29.47 13.88
CA ASN B 70 -0.92 28.71 13.35
C ASN B 70 -2.20 29.52 13.53
N PRO B 71 -2.81 29.96 12.41
CA PRO B 71 -4.01 30.80 12.47
C PRO B 71 -5.07 30.31 13.47
N ILE B 72 -5.22 28.99 13.59
CA ILE B 72 -6.18 28.39 14.52
C ILE B 72 -5.80 28.58 15.99
N TRP B 73 -4.50 28.59 16.28
CA TRP B 73 -4.02 28.63 17.67
C TRP B 73 -4.46 29.84 18.51
N PRO B 74 -4.34 31.09 17.98
CA PRO B 74 -4.85 32.23 18.74
C PRO B 74 -6.35 32.14 19.02
N ILE B 75 -7.13 31.67 18.04
CA ILE B 75 -8.57 31.51 18.26
C ILE B 75 -8.82 30.53 19.42
N VAL B 76 -8.12 29.40 19.40
CA VAL B 76 -8.28 28.37 20.43
C VAL B 76 -7.78 28.84 21.79
N ASN B 77 -6.54 29.30 21.85
CA ASN B 77 -5.86 29.54 23.12
C ASN B 77 -6.10 30.91 23.75
N SER B 78 -6.39 31.92 22.93
CA SER B 78 -6.63 33.30 23.39
C SER B 78 -8.10 33.72 23.26
N THR B 79 -8.63 33.81 22.04
CA THR B 79 -9.98 34.29 21.84
C THR B 79 -11.01 33.46 22.63
N LEU B 80 -11.25 32.23 22.19
CA LEU B 80 -12.21 31.36 22.87
C LEU B 80 -11.68 30.77 24.17
N LYS B 81 -10.37 30.86 24.40
CA LYS B 81 -9.71 30.24 25.55
C LYS B 81 -10.23 28.82 25.83
N LEU B 82 -10.16 27.95 24.82
CA LEU B 82 -10.64 26.57 24.95
C LEU B 82 -9.68 25.73 25.77
N ARG B 83 -10.23 24.92 26.67
CA ARG B 83 -9.42 24.02 27.49
C ARG B 83 -8.57 23.06 26.64
N ASN B 84 -7.26 23.14 26.78
CA ASN B 84 -6.33 22.28 26.02
C ASN B 84 -5.07 21.86 26.78
N PHE B 85 -4.44 20.78 26.34
CA PHE B 85 -3.16 20.35 26.91
C PHE B 85 -2.21 19.93 25.79
N ARG B 86 -0.92 20.26 25.96
CA ARG B 86 0.15 19.81 25.04
C ARG B 86 0.38 18.31 25.20
N SER B 87 0.45 17.59 24.09
CA SER B 87 0.71 16.15 24.12
C SER B 87 2.20 15.93 24.26
N ASP B 88 2.58 15.04 25.18
CA ASP B 88 3.98 14.70 25.38
C ASP B 88 4.26 13.24 25.03
N PHE B 89 5.02 13.04 23.97
CA PHE B 89 5.29 11.68 23.44
C PHE B 89 6.66 11.13 23.87
N ASP B 90 7.35 11.89 24.73
CA ASP B 90 8.70 11.56 25.18
C ASP B 90 8.88 10.24 25.96
N TYR B 91 7.80 9.65 26.46
CA TYR B 91 7.88 8.47 27.31
C TYR B 91 7.26 7.22 26.69
N LEU B 92 7.09 7.23 25.37
CA LEU B 92 6.53 6.06 24.67
C LEU B 92 7.36 4.80 24.91
N ALA B 93 8.68 4.97 25.06
CA ALA B 93 9.59 3.85 25.29
C ALA B 93 9.25 3.01 26.53
N GLN B 94 8.52 3.59 27.47
CA GLN B 94 8.08 2.87 28.66
C GLN B 94 6.64 2.34 28.54
N ASN B 95 6.07 2.45 27.35
CA ASN B 95 4.64 2.17 27.20
C ASN B 95 4.23 1.30 26.01
N VAL B 96 5.19 0.55 25.48
CA VAL B 96 4.88 -0.43 24.45
C VAL B 96 4.58 -1.77 25.10
N TYR B 97 3.41 -2.33 24.78
CA TYR B 97 2.95 -3.59 25.35
C TYR B 97 3.15 -4.74 24.38
N LYS B 98 3.58 -5.88 24.90
CA LYS B 98 3.84 -7.06 24.08
C LYS B 98 2.51 -7.70 23.73
N GLU B 99 2.44 -8.30 22.56
CA GLU B 99 1.23 -8.95 22.11
C GLU B 99 0.61 -9.71 23.26
N ASP B 100 1.44 -10.48 23.93
CA ASP B 100 1.02 -11.24 25.08
C ASP B 100 1.95 -10.89 26.22
N GLY B 101 1.43 -10.24 27.24
CA GLY B 101 2.15 -10.07 28.48
C GLY B 101 3.08 -8.91 28.73
N GLY B 102 2.51 -7.77 29.07
CA GLY B 102 3.28 -6.73 29.70
C GLY B 102 4.06 -5.81 28.80
N VAL B 103 4.90 -4.93 29.32
CA VAL B 103 5.61 -3.92 28.57
C VAL B 103 7.00 -4.39 28.22
N TYR B 104 7.54 -3.89 27.13
CA TYR B 104 8.89 -4.19 26.76
C TYR B 104 9.78 -3.42 27.70
N ASP B 105 11.06 -3.74 27.68
CA ASP B 105 12.10 -3.00 28.41
C ASP B 105 12.32 -1.66 27.70
N GLU B 106 12.37 -0.59 28.49
CA GLU B 106 12.51 0.77 27.97
C GLU B 106 13.72 1.00 27.04
N ASP B 107 14.90 0.54 27.47
CA ASP B 107 16.12 0.73 26.70
C ASP B 107 16.03 0.03 25.35
N TYR B 108 15.36 -1.11 25.32
CA TYR B 108 15.14 -1.83 24.08
C TYR B 108 14.29 -1.01 23.11
N VAL B 109 13.13 -0.57 23.59
CA VAL B 109 12.22 0.22 22.77
C VAL B 109 12.89 1.51 22.34
N GLN B 110 13.53 2.20 23.28
CA GLN B 110 14.21 3.47 22.98
C GLN B 110 15.24 3.36 21.84
N LYS B 111 15.87 2.20 21.72
CA LYS B 111 16.82 1.97 20.63
C LYS B 111 16.09 1.90 19.28
N ARG B 112 14.95 1.20 19.25
CA ARG B 112 14.15 1.08 18.03
C ARG B 112 13.56 2.42 17.62
N ILE B 113 13.12 3.21 18.59
CA ILE B 113 12.57 4.54 18.32
C ILE B 113 13.65 5.46 17.74
N GLU B 114 14.83 5.47 18.36
CA GLU B 114 15.94 6.29 17.90
C GLU B 114 16.36 5.88 16.49
N LEU B 115 16.39 4.57 16.26
CA LEU B 115 16.66 4.04 14.92
C LEU B 115 15.65 4.60 13.91
N ALA B 116 14.37 4.43 14.21
CA ALA B 116 13.28 4.95 13.39
C ALA B 116 13.40 6.45 13.09
N ASP B 117 13.76 7.24 14.09
CA ASP B 117 13.80 8.69 13.96
C ASP B 117 14.92 9.14 13.03
N SER B 118 16.06 8.47 13.12
CA SER B 118 17.20 8.88 12.33
C SER B 118 17.01 8.49 10.87
N VAL B 119 16.27 7.39 10.63
CA VAL B 119 15.91 6.99 9.26
C VAL B 119 15.02 8.05 8.65
N GLU B 120 14.11 8.61 9.44
CA GLU B 120 13.22 9.65 8.96
C GLU B 120 13.98 10.96 8.72
N GLU B 121 14.98 11.21 9.55
CA GLU B 121 15.80 12.42 9.38
C GLU B 121 16.59 12.27 8.09
N MET B 122 17.07 11.05 7.84
CA MET B 122 17.72 10.73 6.56
CA MET B 122 17.73 10.73 6.56
C MET B 122 16.75 11.00 5.41
N GLY B 123 15.49 10.66 5.63
CA GLY B 123 14.39 10.92 4.69
C GLY B 123 14.13 12.40 4.49
N GLU B 124 14.09 13.18 5.57
CA GLU B 124 13.92 14.64 5.46
C GLU B 124 15.01 15.30 4.63
N LYS B 125 16.25 14.85 4.84
CA LYS B 125 17.38 15.37 4.06
C LYS B 125 17.21 14.98 2.60
N LEU B 126 16.93 13.69 2.36
CA LEU B 126 16.73 13.18 1.01
C LEU B 126 15.63 13.96 0.32
N SER B 127 14.55 14.17 1.05
CA SER B 127 13.38 14.89 0.57
C SER B 127 13.76 16.28 0.08
N ALA B 128 14.57 16.98 0.86
CA ALA B 128 15.01 18.33 0.53
C ALA B 128 15.76 18.44 -0.80
N THR B 129 16.23 17.31 -1.33
CA THR B 129 17.04 17.30 -2.57
C THR B 129 16.25 17.00 -3.86
N LEU B 130 14.97 16.67 -3.72
CA LEU B 130 14.15 16.25 -4.85
C LEU B 130 13.62 17.47 -5.61
N HIS B 131 13.46 17.32 -6.92
CA HIS B 131 12.96 18.40 -7.77
C HIS B 131 11.51 18.75 -7.45
N ALA B 132 11.18 20.03 -7.57
CA ALA B 132 9.87 20.53 -7.14
C ALA B 132 8.73 20.03 -8.03
N SER B 133 9.10 19.47 -9.19
CA SER B 133 8.13 18.92 -10.12
C SER B 133 7.57 17.58 -9.66
N GLY B 134 8.21 16.97 -8.67
CA GLY B 134 7.83 15.65 -8.19
C GLY B 134 8.32 14.48 -9.04
N ARG B 135 9.22 14.73 -9.98
CA ARG B 135 9.81 13.69 -10.84
CA ARG B 135 9.77 13.66 -10.82
C ARG B 135 10.61 12.64 -10.05
N ASP B 136 11.25 13.07 -8.96
CA ASP B 136 12.09 12.19 -8.13
C ASP B 136 11.34 11.58 -6.96
N ASP B 137 10.05 11.88 -6.82
CA ASP B 137 9.35 11.51 -5.59
C ASP B 137 9.26 10.00 -5.40
N MET B 138 9.10 9.58 -4.16
CA MET B 138 8.99 8.18 -3.83
C MET B 138 8.15 7.99 -2.57
N SER B 139 7.69 6.77 -2.31
CA SER B 139 6.94 6.50 -1.08
C SER B 139 7.86 6.60 0.14
N ILE B 140 7.27 6.90 1.30
CA ILE B 140 8.03 6.90 2.57
C ILE B 140 8.74 5.54 2.72
N LEU B 141 8.07 4.48 2.29
CA LEU B 141 8.60 3.12 2.39
C LEU B 141 9.89 2.95 1.59
N ALA B 142 9.87 3.41 0.33
CA ALA B 142 11.01 3.33 -0.57
C ALA B 142 12.20 3.97 0.10
N MET B 143 11.98 5.17 0.63
CA MET B 143 12.94 5.91 1.43
C MET B 143 13.45 5.06 2.60
N GLN B 144 12.54 4.41 3.32
CA GLN B 144 12.95 3.59 4.45
C GLN B 144 13.84 2.46 3.93
N ARG B 145 13.35 1.71 2.95
CA ARG B 145 14.13 0.65 2.31
C ARG B 145 15.56 1.11 2.00
N LEU B 146 15.66 2.28 1.36
CA LEU B 146 16.91 2.84 0.86
C LEU B 146 17.90 3.10 1.99
N ASN B 147 17.41 3.75 3.05
CA ASN B 147 18.23 4.07 4.22
C ASN B 147 18.55 2.85 5.08
N GLU B 148 17.57 1.99 5.32
CA GLU B 148 17.77 0.75 6.09
C GLU B 148 18.52 -0.35 5.31
N HIS B 149 18.71 -0.16 4.00
CA HIS B 149 19.30 -1.18 3.13
C HIS B 149 18.57 -2.50 3.26
N GLN B 150 17.25 -2.47 3.04
CA GLN B 150 16.40 -3.66 3.14
C GLN B 150 15.36 -3.70 2.04
N PRO B 151 14.87 -4.91 1.71
CA PRO B 151 13.70 -5.10 0.82
C PRO B 151 12.35 -4.75 1.47
N ASN B 152 12.37 -4.33 2.73
CA ASN B 152 11.15 -4.07 3.49
C ASN B 152 11.38 -2.97 4.51
N GLY B 153 10.30 -2.37 5.02
CA GLY B 153 10.38 -1.41 6.13
C GLY B 153 10.24 -2.14 7.44
N PRO B 154 9.92 -1.43 8.54
CA PRO B 154 9.75 -2.10 9.83
C PRO B 154 8.81 -3.32 9.78
N ALA B 155 9.31 -4.47 10.20
CA ALA B 155 8.56 -5.72 10.00
C ALA B 155 8.36 -6.55 11.28
N THR B 156 9.04 -6.17 12.37
CA THR B 156 8.84 -6.83 13.66
C THR B 156 7.83 -6.05 14.50
N PRO B 157 7.08 -6.76 15.37
CA PRO B 157 6.01 -6.15 16.18
C PRO B 157 6.29 -4.75 16.76
N VAL B 158 7.33 -4.61 17.57
CA VAL B 158 7.74 -3.30 18.12
C VAL B 158 8.04 -2.26 17.04
N ASP B 159 8.81 -2.68 16.03
CA ASP B 159 9.19 -1.78 14.95
C ASP B 159 7.99 -1.31 14.14
N MET B 160 7.00 -2.19 13.99
CA MET B 160 5.80 -1.87 13.27
C MET B 160 4.90 -0.88 14.01
N VAL B 161 4.65 -1.12 15.29
CA VAL B 161 3.83 -0.19 16.06
C VAL B 161 4.55 1.15 16.25
N VAL B 162 5.89 1.15 16.33
CA VAL B 162 6.65 2.40 16.27
C VAL B 162 6.42 3.08 14.92
N ASP B 163 6.52 2.28 13.84
CA ASP B 163 6.33 2.76 12.48
C ASP B 163 4.92 3.31 12.33
N TYR B 164 3.95 2.52 12.79
CA TYR B 164 2.56 2.91 12.81
C TYR B 164 2.31 4.20 13.57
N TYR B 165 2.90 4.33 14.76
CA TYR B 165 2.69 5.54 15.56
C TYR B 165 3.25 6.79 14.84
N LYS B 166 4.38 6.61 14.16
CA LYS B 166 5.09 7.71 13.51
C LYS B 166 4.40 8.15 12.23
N PHE B 167 3.86 7.20 11.48
CA PHE B 167 3.28 7.55 10.19
C PHE B 167 1.77 7.32 10.05
N ASP B 168 1.32 6.08 10.23
CA ASP B 168 -0.12 5.78 10.12
C ASP B 168 -0.94 6.61 11.08
N TYR B 169 -0.42 6.84 12.28
CA TYR B 169 -1.16 7.55 13.32
C TYR B 169 -1.25 9.05 13.03
N GLU B 170 -0.50 9.50 12.02
CA GLU B 170 -0.52 10.88 11.56
C GLU B 170 -1.31 11.07 10.26
N PHE B 171 -1.10 10.15 9.30
CA PHE B 171 -1.63 10.28 7.95
C PHE B 171 -2.73 9.27 7.63
N ALA B 172 -2.98 8.36 8.56
CA ALA B 172 -4.07 7.38 8.47
C ALA B 172 -3.98 6.42 7.27
N GLU B 173 -2.79 6.35 6.69
CA GLU B 173 -2.48 5.35 5.66
C GLU B 173 -1.03 4.91 5.88
N PRO B 174 -0.65 3.69 5.44
CA PRO B 174 0.74 3.25 5.68
C PRO B 174 1.78 4.04 4.86
N PRO B 175 3.03 4.11 5.35
CA PRO B 175 4.10 4.78 4.62
C PRO B 175 4.23 4.40 3.14
N ARG B 176 3.87 3.17 2.78
CA ARG B 176 4.08 2.70 1.42
C ARG B 176 3.15 3.28 0.38
N VAL B 177 2.11 3.98 0.82
CA VAL B 177 1.22 4.64 -0.13
C VAL B 177 1.40 6.14 -0.10
N THR B 178 2.13 6.62 0.89
CA THR B 178 2.31 8.05 1.16
C THR B 178 3.52 8.65 0.45
N SER B 179 3.29 9.77 -0.23
CA SER B 179 4.37 10.51 -0.86
C SER B 179 5.41 11.02 0.15
N LEU B 180 6.69 10.77 -0.10
CA LEU B 180 7.77 11.26 0.78
C LEU B 180 7.88 12.78 0.72
N GLN B 181 8.03 13.28 -0.50
CA GLN B 181 8.22 14.70 -0.76
C GLN B 181 7.20 15.55 -0.04
N ASN B 182 5.98 15.04 0.07
CA ASN B 182 4.88 15.88 0.53
C ASN B 182 4.51 15.70 1.98
N THR B 183 5.24 14.86 2.70
CA THR B 183 4.93 14.60 4.11
C THR B 183 6.16 14.64 5.03
N VAL B 184 7.34 14.44 4.46
CA VAL B 184 8.59 14.33 5.21
C VAL B 184 9.60 15.33 4.66
N PRO B 185 9.77 16.48 5.34
CA PRO B 185 9.11 16.90 6.57
C PRO B 185 7.71 17.49 6.28
N LEU B 186 6.87 17.57 7.30
CA LEU B 186 5.51 18.05 7.12
C LEU B 186 5.45 19.57 7.29
N ALA B 187 5.03 20.27 6.23
CA ALA B 187 4.93 21.74 6.30
C ALA B 187 4.24 22.27 7.56
N THR B 188 3.19 21.58 8.01
CA THR B 188 2.53 21.91 9.27
C THR B 188 3.55 22.06 10.40
N PHE B 189 4.40 21.05 10.60
CA PHE B 189 5.36 21.07 11.70
C PHE B 189 6.52 22.01 11.45
N SER B 190 6.99 22.04 10.19
CA SER B 190 8.08 22.91 9.76
C SER B 190 7.76 24.38 9.92
N ASP B 191 6.57 24.80 9.50
CA ASP B 191 6.19 26.21 9.58
C ASP B 191 5.68 26.62 10.95
N PHE B 192 4.83 25.80 11.54
CA PHE B 192 4.09 26.21 12.72
C PHE B 192 4.65 25.67 14.05
N GLY B 193 5.49 24.63 13.99
CA GLY B 193 6.06 24.06 15.21
C GLY B 193 5.76 22.58 15.42
N ASP B 194 6.54 21.95 16.29
CA ASP B 194 6.43 20.52 16.48
C ASP B 194 5.41 20.10 17.51
N ASP B 195 5.02 21.03 18.38
CA ASP B 195 4.05 20.71 19.42
C ASP B 195 2.64 20.55 18.87
N VAL B 196 1.86 19.70 19.53
CA VAL B 196 0.44 19.57 19.25
C VAL B 196 -0.35 19.74 20.55
N TYR B 197 -1.59 20.19 20.46
CA TYR B 197 -2.38 20.48 21.65
C TYR B 197 -3.74 19.85 21.55
N PHE B 198 -4.06 19.01 22.53
CA PHE B 198 -5.31 18.29 22.59
C PHE B 198 -6.36 19.19 23.18
N VAL B 199 -7.37 19.53 22.39
CA VAL B 199 -8.50 20.34 22.85
C VAL B 199 -9.43 19.43 23.64
N ALA B 200 -9.65 19.77 24.92
CA ALA B 200 -10.56 19.02 25.78
C ALA B 200 -11.50 19.98 26.52
N ASP B 201 -12.33 20.67 25.73
CA ASP B 201 -13.25 21.68 26.22
C ASP B 201 -14.68 21.24 25.93
N GLN B 202 -15.59 21.43 26.89
CA GLN B 202 -16.99 20.99 26.73
C GLN B 202 -17.77 21.72 25.64
N ARG B 203 -17.30 22.91 25.28
CA ARG B 203 -17.87 23.67 24.16
C ARG B 203 -17.59 22.98 22.82
N GLY B 204 -16.47 22.27 22.75
CA GLY B 204 -16.09 21.58 21.53
C GLY B 204 -15.05 22.37 20.76
N TYR B 205 -14.21 21.65 20.03
CA TYR B 205 -13.24 22.23 19.11
C TYR B 205 -14.00 23.00 18.02
N GLU B 206 -15.21 22.54 17.74
CA GLU B 206 -16.12 23.17 16.77
C GLU B 206 -16.45 24.62 17.11
N ALA B 207 -16.25 25.00 18.37
CA ALA B 207 -16.41 26.39 18.80
C ALA B 207 -15.65 27.34 17.89
N VAL B 208 -14.49 26.89 17.40
CA VAL B 208 -13.70 27.66 16.44
C VAL B 208 -14.51 28.03 15.20
N VAL B 209 -15.22 27.05 14.63
CA VAL B 209 -16.04 27.30 13.44
C VAL B 209 -17.23 28.21 13.77
N TYR B 210 -17.89 27.98 14.91
CA TYR B 210 -19.03 28.83 15.33
C TYR B 210 -18.59 30.27 15.49
N TYR B 211 -17.41 30.43 16.07
CA TYR B 211 -16.82 31.72 16.27
C TYR B 211 -16.64 32.47 14.95
N LEU B 212 -15.97 31.83 13.99
CA LEU B 212 -15.77 32.44 12.68
C LEU B 212 -17.09 32.78 12.01
N ALA B 213 -18.03 31.83 12.05
CA ALA B 213 -19.35 32.04 11.49
C ALA B 213 -20.00 33.31 12.08
N GLY B 214 -19.80 33.50 13.38
CA GLY B 214 -20.44 34.58 14.11
C GLY B 214 -19.91 35.96 13.78
N GLN B 215 -18.78 36.01 13.06
CA GLN B 215 -18.14 37.27 12.66
C GLN B 215 -18.85 37.98 11.51
N TYR B 216 -19.64 37.24 10.74
CA TYR B 216 -20.29 37.79 9.57
C TYR B 216 -21.73 37.28 9.38
N LEU B 217 -22.15 36.34 10.22
CA LEU B 217 -23.53 35.88 10.16
C LEU B 217 -24.30 36.36 11.39
N LYS B 218 -25.58 36.65 11.17
CA LYS B 218 -26.49 37.11 12.20
C LYS B 218 -26.71 36.04 13.28
N THR B 219 -26.62 36.43 14.54
CA THR B 219 -26.90 35.51 15.65
C THR B 219 -27.90 36.14 16.61
N ASP B 220 -28.78 35.32 17.17
CA ASP B 220 -29.76 35.76 18.15
C ASP B 220 -29.06 36.26 19.43
N ASP B 221 -29.43 37.46 19.87
CA ASP B 221 -28.76 38.13 21.00
C ASP B 221 -28.93 37.40 22.34
N LYS B 222 -30.06 36.73 22.52
CA LYS B 222 -30.31 35.97 23.76
C LYS B 222 -29.81 34.51 23.67
N SER B 223 -30.14 33.81 22.58
CA SER B 223 -29.72 32.41 22.43
C SER B 223 -28.27 32.23 21.94
N GLY B 224 -27.75 33.20 21.17
CA GLY B 224 -26.43 33.06 20.57
C GLY B 224 -26.38 32.26 19.28
N LYS B 225 -27.50 31.62 18.92
CA LYS B 225 -27.60 30.78 17.71
C LYS B 225 -27.55 31.61 16.44
N ILE B 226 -26.96 31.05 15.38
CA ILE B 226 -26.98 31.71 14.07
C ILE B 226 -28.40 31.70 13.51
N VAL B 227 -28.85 32.87 13.08
CA VAL B 227 -30.21 33.05 12.58
C VAL B 227 -30.21 33.77 11.22
N ASP B 228 -29.03 33.98 10.65
CA ASP B 228 -28.88 34.61 9.34
C ASP B 228 -29.56 33.78 8.26
N PRO B 229 -30.39 34.42 7.41
CA PRO B 229 -31.07 33.72 6.31
C PRO B 229 -30.14 33.07 5.27
N ARG B 230 -28.88 33.51 5.25
CA ARG B 230 -27.88 33.01 4.29
C ARG B 230 -27.30 31.65 4.69
N LEU B 231 -27.56 31.22 5.93
CA LEU B 231 -27.17 29.89 6.40
C LEU B 231 -28.38 28.99 6.40
N GLN B 232 -28.32 27.92 5.61
CA GLN B 232 -29.43 27.00 5.47
C GLN B 232 -29.02 25.52 5.71
N LEU B 233 -29.37 25.00 6.89
CA LEU B 233 -29.01 23.63 7.25
C LEU B 233 -30.02 22.65 6.70
N ASN B 234 -29.70 21.37 6.77
CA ASN B 234 -30.53 20.29 6.22
C ASN B 234 -30.82 20.50 4.75
N LYS B 235 -29.76 20.73 3.99
CA LYS B 235 -29.84 20.97 2.56
C LYS B 235 -28.81 20.09 1.87
N VAL B 236 -29.21 18.90 1.48
CA VAL B 236 -28.29 17.99 0.82
C VAL B 236 -28.26 18.27 -0.68
N VAL B 237 -27.21 18.98 -1.13
CA VAL B 237 -26.96 19.23 -2.55
C VAL B 237 -26.73 17.88 -3.28
N ARG B 238 -27.49 17.66 -4.35
CA ARG B 238 -27.40 16.40 -5.08
C ARG B 238 -27.00 16.58 -6.53
N GLU B 239 -27.20 17.79 -7.05
CA GLU B 239 -26.84 18.08 -8.42
C GLU B 239 -26.36 19.51 -8.57
N ILE B 240 -25.29 19.67 -9.35
CA ILE B 240 -24.82 20.98 -9.73
C ILE B 240 -24.77 21.02 -11.24
N LYS B 241 -25.69 21.79 -11.81
CA LYS B 241 -25.72 22.17 -13.22
C LYS B 241 -24.91 23.44 -13.33
N TYR B 242 -23.99 23.48 -14.30
CA TYR B 242 -23.22 24.69 -14.57
C TYR B 242 -23.15 24.93 -16.07
N SER B 243 -23.14 26.21 -16.44
CA SER B 243 -23.08 26.65 -17.83
C SER B 243 -22.36 28.01 -17.85
N PRO B 244 -21.96 28.50 -19.05
CA PRO B 244 -21.29 29.82 -19.09
C PRO B 244 -22.15 30.93 -18.48
N GLY B 245 -23.47 30.71 -18.48
CA GLY B 245 -24.42 31.67 -17.92
C GLY B 245 -24.44 31.74 -16.40
N GLY B 246 -24.41 30.60 -15.73
CA GLY B 246 -24.51 30.55 -14.28
C GLY B 246 -24.69 29.13 -13.80
N VAL B 247 -25.05 28.94 -12.53
CA VAL B 247 -25.14 27.60 -11.94
C VAL B 247 -26.48 27.33 -11.27
N THR B 248 -26.94 26.08 -11.33
CA THR B 248 -28.13 25.63 -10.64
C THR B 248 -27.76 24.56 -9.63
N VAL B 249 -28.19 24.76 -8.40
CA VAL B 249 -27.95 23.80 -7.33
C VAL B 249 -29.29 23.19 -6.89
N LYS B 250 -29.38 21.86 -6.93
CA LYS B 250 -30.59 21.17 -6.53
C LYS B 250 -30.35 20.35 -5.26
N THR B 251 -31.12 20.64 -4.19
CA THR B 251 -31.02 19.89 -2.94
C THR B 251 -32.06 18.81 -2.84
N GLU B 252 -31.81 17.83 -1.99
CA GLU B 252 -32.66 16.65 -1.84
C GLU B 252 -34.12 16.94 -1.44
N ASP B 253 -34.37 18.04 -0.74
CA ASP B 253 -35.73 18.46 -0.41
C ASP B 253 -36.42 19.18 -1.57
N ASN B 254 -35.95 18.87 -2.79
CA ASN B 254 -36.42 19.48 -4.05
C ASN B 254 -36.45 21.01 -4.20
N SER B 255 -35.75 21.72 -3.32
CA SER B 255 -35.35 23.07 -3.64
C SER B 255 -34.48 23.06 -4.91
N VAL B 256 -34.42 24.23 -5.56
CA VAL B 256 -33.61 24.43 -6.75
C VAL B 256 -33.10 25.86 -6.71
N TYR B 257 -31.79 26.00 -6.67
CA TYR B 257 -31.18 27.30 -6.45
C TYR B 257 -30.41 27.81 -7.66
N SER B 258 -30.38 29.13 -7.80
CA SER B 258 -29.65 29.80 -8.85
C SER B 258 -28.61 30.72 -8.25
N ALA B 259 -27.43 30.72 -8.84
CA ALA B 259 -26.38 31.63 -8.44
C ALA B 259 -25.46 31.85 -9.61
N ASP B 260 -24.67 32.90 -9.54
CA ASP B 260 -23.65 33.09 -10.55
C ASP B 260 -22.56 32.04 -10.38
N TYR B 261 -22.15 31.80 -9.13
CA TYR B 261 -21.06 30.86 -8.85
C TYR B 261 -21.37 29.88 -7.73
N VAL B 262 -20.79 28.70 -7.82
CA VAL B 262 -20.86 27.75 -6.71
C VAL B 262 -19.46 27.36 -6.20
N MET B 263 -19.29 27.42 -4.88
CA MET B 263 -18.11 26.97 -4.18
C MET B 263 -18.40 25.62 -3.51
N VAL B 264 -17.79 24.55 -3.98
CA VAL B 264 -17.98 23.23 -3.36
C VAL B 264 -16.93 23.01 -2.26
N SER B 265 -17.38 22.73 -1.04
CA SER B 265 -16.45 22.49 0.08
C SER B 265 -16.55 21.07 0.68
N ALA B 266 -17.39 20.23 0.09
CA ALA B 266 -17.49 18.83 0.51
C ALA B 266 -16.13 18.13 0.39
N SER B 267 -15.92 17.10 1.21
CA SER B 267 -14.65 16.40 1.27
C SER B 267 -14.31 15.70 -0.04
N LEU B 268 -13.02 15.38 -0.20
CA LEU B 268 -12.55 14.60 -1.33
C LEU B 268 -13.32 13.29 -1.41
N GLY B 269 -13.56 12.68 -0.26
CA GLY B 269 -14.38 11.47 -0.16
C GLY B 269 -15.75 11.65 -0.81
N VAL B 270 -16.40 12.79 -0.56
CA VAL B 270 -17.72 13.09 -1.12
C VAL B 270 -17.64 13.27 -2.63
N LEU B 271 -16.66 14.07 -3.09
CA LEU B 271 -16.41 14.20 -4.53
C LEU B 271 -16.13 12.85 -5.16
N GLN B 272 -15.50 11.95 -4.40
CA GLN B 272 -15.20 10.60 -4.89
C GLN B 272 -16.42 9.68 -4.94
N SER B 273 -17.47 10.00 -4.19
CA SER B 273 -18.72 9.24 -4.25
C SER B 273 -19.64 9.76 -5.35
N ASP B 274 -20.85 9.21 -5.45
CA ASP B 274 -21.82 9.71 -6.42
C ASP B 274 -22.82 10.76 -5.89
N LEU B 275 -22.52 11.34 -4.71
CA LEU B 275 -23.47 12.16 -3.99
C LEU B 275 -23.87 13.43 -4.73
N ILE B 276 -22.88 14.19 -5.19
CA ILE B 276 -23.14 15.35 -6.00
C ILE B 276 -22.91 15.03 -7.47
N GLN B 277 -24.00 15.05 -8.24
CA GLN B 277 -23.92 14.91 -9.69
C GLN B 277 -23.59 16.26 -10.31
N PHE B 278 -22.59 16.27 -11.20
CA PHE B 278 -22.25 17.46 -11.97
C PHE B 278 -22.77 17.32 -13.40
N LYS B 279 -23.55 18.31 -13.86
CA LYS B 279 -24.10 18.32 -15.22
C LYS B 279 -23.68 19.63 -15.90
N PRO B 280 -22.81 19.58 -16.93
CA PRO B 280 -22.19 18.40 -17.54
C PRO B 280 -21.14 17.76 -16.64
N LYS B 281 -20.87 16.48 -16.85
CA LYS B 281 -19.82 15.74 -16.14
C LYS B 281 -18.50 16.51 -16.16
N LEU B 282 -17.86 16.61 -14.99
CA LEU B 282 -16.57 17.29 -14.85
C LEU B 282 -15.57 16.70 -15.86
N PRO B 283 -14.64 17.53 -16.35
CA PRO B 283 -13.67 17.07 -17.36
C PRO B 283 -12.75 15.92 -16.87
N THR B 284 -12.30 15.06 -17.78
CA THR B 284 -11.39 13.95 -17.47
C THR B 284 -10.18 14.36 -16.63
N TRP B 285 -9.58 15.50 -16.94
CA TRP B 285 -8.44 15.94 -16.15
C TRP B 285 -8.83 16.14 -14.69
N LYS B 286 -9.99 16.74 -14.46
CA LYS B 286 -10.50 16.95 -13.11
C LYS B 286 -10.83 15.62 -12.42
N VAL B 287 -11.53 14.75 -13.14
CA VAL B 287 -11.97 13.46 -12.62
C VAL B 287 -10.77 12.63 -12.16
N ARG B 288 -9.73 12.56 -13.02
CA ARG B 288 -8.51 11.82 -12.70
C ARG B 288 -7.81 12.34 -11.43
N ALA B 289 -7.70 13.67 -11.30
CA ALA B 289 -7.10 14.29 -10.12
C ALA B 289 -7.86 13.91 -8.86
N ILE B 290 -9.19 14.05 -8.89
CA ILE B 290 -10.07 13.64 -7.79
C ILE B 290 -9.79 12.20 -7.36
N TYR B 291 -9.78 11.27 -8.31
CA TYR B 291 -9.70 9.85 -7.97
C TYR B 291 -8.31 9.32 -7.70
N GLN B 292 -7.30 10.16 -7.96
CA GLN B 292 -5.94 9.77 -7.67
C GLN B 292 -5.47 10.13 -6.27
N PHE B 293 -6.04 11.19 -5.70
CA PHE B 293 -5.75 11.55 -4.32
C PHE B 293 -6.52 10.61 -3.36
N ASP B 294 -6.12 10.58 -2.10
CA ASP B 294 -6.65 9.63 -1.13
C ASP B 294 -7.50 10.30 -0.05
N MET B 295 -8.70 9.76 0.18
CA MET B 295 -9.47 10.12 1.36
C MET B 295 -9.19 9.06 2.42
N ALA B 296 -8.38 9.39 3.41
CA ALA B 296 -8.05 8.44 4.46
C ALA B 296 -9.14 8.36 5.54
N VAL B 297 -9.11 7.26 6.30
CA VAL B 297 -10.03 7.04 7.41
C VAL B 297 -9.26 6.84 8.72
N TYR B 298 -9.62 7.64 9.72
CA TYR B 298 -8.99 7.67 11.04
C TYR B 298 -10.12 7.53 12.09
N THR B 299 -10.19 6.37 12.73
CA THR B 299 -11.29 6.01 13.63
C THR B 299 -10.92 6.08 15.11
N MET B 300 -11.56 7.00 15.83
CA MET B 300 -11.33 7.14 17.26
C MET B 300 -12.34 6.33 18.08
N ILE B 301 -11.91 5.18 18.62
CA ILE B 301 -12.83 4.35 19.39
C ILE B 301 -12.69 4.60 20.89
N PHE B 302 -13.72 5.21 21.47
CA PHE B 302 -13.79 5.56 22.90
C PHE B 302 -14.44 4.44 23.71
N LEU B 303 -13.95 4.21 24.92
CA LEU B 303 -14.46 3.14 25.79
C LEU B 303 -14.62 3.61 27.23
N LYS B 304 -15.76 3.27 27.84
CA LYS B 304 -16.04 3.60 29.24
C LYS B 304 -15.95 2.35 30.13
N PHE B 305 -15.26 2.47 31.26
CA PHE B 305 -15.08 1.35 32.20
C PHE B 305 -15.63 1.59 33.63
N PRO B 306 -16.09 0.52 34.31
CA PRO B 306 -16.52 0.56 35.72
C PRO B 306 -15.44 1.11 36.65
N ARG B 307 -14.21 0.61 36.49
CA ARG B 307 -13.05 1.06 37.26
C ARG B 307 -11.83 1.12 36.33
N LYS B 308 -10.82 1.90 36.69
CA LYS B 308 -9.61 1.92 35.87
C LYS B 308 -8.66 0.77 36.21
N PHE B 309 -7.83 0.38 35.24
CA PHE B 309 -6.95 -0.78 35.39
C PHE B 309 -5.60 -0.53 34.70
N TRP B 310 -5.49 0.62 34.03
CA TRP B 310 -4.28 1.01 33.31
C TRP B 310 -3.44 1.94 34.18
N PRO B 311 -2.14 2.08 33.87
CA PRO B 311 -1.26 3.03 34.56
C PRO B 311 -1.66 4.49 34.39
N GLU B 312 -1.35 5.30 35.41
CA GLU B 312 -1.50 6.75 35.35
C GLU B 312 -0.27 7.47 35.93
N GLY B 313 -0.12 8.76 35.63
CA GLY B 313 1.04 9.52 36.06
C GLY B 313 2.00 9.82 34.92
N LYS B 314 3.14 10.44 35.24
CA LYS B 314 4.11 10.91 34.24
C LYS B 314 4.30 9.91 33.09
N GLY B 315 4.12 10.40 31.85
CA GLY B 315 4.35 9.61 30.63
C GLY B 315 3.37 8.51 30.28
N ARG B 316 2.25 8.43 31.01
CA ARG B 316 1.29 7.35 30.82
C ARG B 316 0.15 7.64 29.84
N GLU B 317 0.06 8.88 29.34
CA GLU B 317 -1.05 9.30 28.50
C GLU B 317 -1.15 8.49 27.20
N PHE B 318 -0.01 8.21 26.58
CA PHE B 318 0.04 7.43 25.35
C PHE B 318 0.76 6.12 25.52
N PHE B 319 0.17 5.05 25.01
CA PHE B 319 0.82 3.76 25.00
C PHE B 319 0.51 2.96 23.74
N LEU B 320 1.42 2.05 23.40
CA LEU B 320 1.30 1.30 22.17
C LEU B 320 1.09 -0.16 22.48
N TYR B 321 0.46 -0.87 21.55
CA TYR B 321 0.31 -2.31 21.65
C TYR B 321 0.98 -2.91 20.43
N ALA B 322 2.02 -3.71 20.66
CA ALA B 322 2.86 -4.19 19.57
C ALA B 322 2.37 -5.54 19.07
N SER B 323 1.20 -5.53 18.43
CA SER B 323 0.63 -6.73 17.84
C SER B 323 1.46 -7.20 16.66
N SER B 324 1.37 -8.50 16.35
CA SER B 324 2.09 -9.06 15.21
C SER B 324 1.33 -8.80 13.91
N ARG B 325 0.12 -8.29 14.08
CA ARG B 325 -0.77 -7.91 13.00
C ARG B 325 -0.71 -6.39 12.90
N ARG B 326 -0.01 -5.88 11.89
CA ARG B 326 0.30 -4.46 11.76
C ARG B 326 -0.96 -3.61 11.93
N GLY B 327 -0.90 -2.62 12.82
CA GLY B 327 -2.03 -1.72 13.03
C GLY B 327 -3.28 -2.30 13.70
N TYR B 328 -3.13 -3.41 14.41
CA TYR B 328 -4.27 -3.96 15.12
C TYR B 328 -4.38 -3.32 16.51
N TYR B 329 -5.36 -2.44 16.69
CA TYR B 329 -5.56 -1.70 17.96
C TYR B 329 -4.26 -1.26 18.63
N GLY B 330 -3.46 -0.48 17.93
CA GLY B 330 -2.09 -0.18 18.34
C GLY B 330 -1.81 1.09 19.14
N VAL B 331 -2.57 2.15 18.93
CA VAL B 331 -2.30 3.41 19.62
C VAL B 331 -3.39 3.74 20.65
N TRP B 332 -2.97 3.93 21.89
CA TRP B 332 -3.92 4.11 23.00
C TRP B 332 -3.65 5.39 23.78
N GLN B 333 -4.73 5.98 24.26
CA GLN B 333 -4.65 7.22 25.01
C GLN B 333 -5.56 7.14 26.23
N GLU B 334 -5.04 7.58 27.37
CA GLU B 334 -5.83 7.71 28.59
C GLU B 334 -5.86 9.17 29.04
N PHE B 335 -6.98 9.58 29.63
CA PHE B 335 -7.30 11.00 29.82
C PHE B 335 -7.35 11.47 31.27
N GLU B 336 -6.31 11.11 32.04
CA GLU B 336 -6.20 11.57 33.42
C GLU B 336 -6.18 13.09 33.55
N LYS B 337 -5.48 13.80 32.66
CA LYS B 337 -5.53 15.28 32.65
C LYS B 337 -6.87 15.79 32.12
N GLN B 338 -7.28 15.28 30.97
CA GLN B 338 -8.42 15.78 30.23
C GLN B 338 -9.75 15.52 30.92
N TYR B 339 -10.00 14.26 31.22
CA TYR B 339 -11.31 13.85 31.74
C TYR B 339 -11.10 13.09 33.04
N PRO B 340 -10.71 13.81 34.10
CA PRO B 340 -10.29 13.17 35.35
C PRO B 340 -11.45 12.42 35.99
N ASP B 341 -11.14 11.31 36.64
CA ASP B 341 -12.17 10.45 37.24
C ASP B 341 -13.29 10.10 36.25
N ALA B 342 -12.93 9.88 34.99
CA ALA B 342 -13.91 9.53 33.96
C ALA B 342 -13.86 8.06 33.57
N ASN B 343 -12.66 7.47 33.59
CA ASN B 343 -12.46 6.04 33.23
C ASN B 343 -12.62 5.73 31.74
N VAL B 344 -12.05 6.60 30.90
CA VAL B 344 -12.18 6.46 29.47
C VAL B 344 -10.82 6.15 28.83
N LEU B 345 -10.85 5.29 27.81
CA LEU B 345 -9.69 5.06 26.96
C LEU B 345 -10.05 5.31 25.52
N LEU B 346 -9.09 5.81 24.76
CA LEU B 346 -9.25 5.99 23.33
C LEU B 346 -8.22 5.13 22.61
N VAL B 347 -8.72 4.18 21.82
CA VAL B 347 -7.85 3.45 20.88
C VAL B 347 -8.14 3.98 19.47
N THR B 348 -7.08 4.17 18.69
CA THR B 348 -7.22 4.71 17.33
C THR B 348 -6.85 3.66 16.31
N VAL B 349 -7.70 3.48 15.30
CA VAL B 349 -7.39 2.62 14.15
C VAL B 349 -7.54 3.43 12.87
N THR B 350 -7.08 2.87 11.75
CA THR B 350 -7.17 3.57 10.47
C THR B 350 -6.94 2.65 9.28
N ASP B 351 -7.09 3.19 8.07
CA ASP B 351 -6.89 2.45 6.85
C ASP B 351 -7.86 1.26 6.73
N GLU B 352 -7.30 0.07 6.61
CA GLU B 352 -8.11 -1.14 6.45
C GLU B 352 -8.90 -1.49 7.70
N GLU B 353 -8.25 -1.42 8.86
CA GLU B 353 -8.89 -1.79 10.10
C GLU B 353 -10.14 -0.96 10.33
N SER B 354 -10.07 0.33 9.96
CA SER B 354 -11.22 1.22 9.97
C SER B 354 -12.36 0.72 9.11
N ARG B 355 -12.06 0.34 7.86
CA ARG B 355 -13.08 -0.16 6.94
C ARG B 355 -13.71 -1.47 7.43
N ARG B 356 -12.88 -2.38 7.93
CA ARG B 356 -13.40 -3.62 8.52
C ARG B 356 -14.29 -3.30 9.72
N ILE B 357 -13.78 -2.46 10.63
CA ILE B 357 -14.46 -2.20 11.89
C ILE B 357 -15.81 -1.50 11.70
N GLU B 358 -15.85 -0.45 10.87
CA GLU B 358 -17.11 0.25 10.58
C GLU B 358 -18.20 -0.71 10.12
N GLN B 359 -17.78 -1.77 9.43
CA GLN B 359 -18.72 -2.73 8.85
C GLN B 359 -19.13 -3.90 9.74
N GLN B 360 -18.90 -3.78 11.04
CA GLN B 360 -19.44 -4.74 11.99
C GLN B 360 -20.03 -3.95 13.16
N SER B 361 -20.84 -4.62 13.99
CA SER B 361 -21.54 -3.93 15.07
C SER B 361 -20.60 -3.43 16.18
N ASP B 362 -21.06 -2.42 16.92
CA ASP B 362 -20.31 -1.89 18.05
C ASP B 362 -19.91 -2.97 19.04
N GLU B 363 -20.75 -3.98 19.18
CA GLU B 363 -20.55 -5.00 20.19
C GLU B 363 -19.48 -5.98 19.74
N GLN B 364 -19.52 -6.30 18.46
CA GLN B 364 -18.48 -7.10 17.83
C GLN B 364 -17.10 -6.47 18.06
N THR B 365 -17.00 -5.16 17.81
CA THR B 365 -15.76 -4.40 18.00
C THR B 365 -15.33 -4.40 19.47
N LYS B 366 -16.28 -4.25 20.39
CA LYS B 366 -15.97 -4.24 21.82
C LYS B 366 -15.33 -5.57 22.27
N ALA B 367 -15.88 -6.70 21.81
CA ALA B 367 -15.32 -8.00 22.09
C ALA B 367 -13.83 -8.02 21.74
N GLU B 368 -13.53 -7.71 20.48
CA GLU B 368 -12.16 -7.60 19.98
C GLU B 368 -11.23 -6.77 20.88
N ILE B 369 -11.70 -5.57 21.26
CA ILE B 369 -10.93 -4.67 22.12
C ILE B 369 -10.74 -5.25 23.53
N MET B 370 -11.75 -5.89 24.07
CA MET B 370 -11.65 -6.57 25.35
C MET B 370 -10.58 -7.65 25.36
N GLN B 371 -10.42 -8.36 24.25
CA GLN B 371 -9.34 -9.33 24.11
C GLN B 371 -7.97 -8.69 24.14
N VAL B 372 -7.78 -7.61 23.37
CA VAL B 372 -6.51 -6.92 23.36
C VAL B 372 -6.15 -6.42 24.77
N LEU B 373 -7.10 -5.82 25.45
CA LEU B 373 -6.86 -5.26 26.78
C LEU B 373 -6.52 -6.34 27.82
N ARG B 374 -7.19 -7.48 27.71
CA ARG B 374 -6.93 -8.61 28.61
C ARG B 374 -5.57 -9.27 28.38
N LYS B 375 -5.09 -9.29 27.13
CA LYS B 375 -3.72 -9.69 26.81
C LYS B 375 -2.68 -8.66 27.26
N MET B 376 -3.07 -7.38 27.31
CA MET B 376 -2.16 -6.29 27.66
C MET B 376 -1.91 -6.19 29.15
N PHE B 377 -2.93 -6.51 29.94
CA PHE B 377 -2.86 -6.38 31.39
C PHE B 377 -3.29 -7.70 32.04
N PRO B 378 -2.44 -8.74 31.95
CA PRO B 378 -2.87 -10.05 32.41
C PRO B 378 -2.91 -10.11 33.94
N GLY B 379 -2.00 -9.36 34.57
CA GLY B 379 -1.93 -9.26 36.02
C GLY B 379 -3.16 -8.67 36.68
N LYS B 380 -3.91 -7.86 35.94
CA LYS B 380 -5.07 -7.18 36.51
C LYS B 380 -6.36 -7.90 36.16
N ASP B 381 -7.47 -7.40 36.70
CA ASP B 381 -8.78 -7.98 36.49
C ASP B 381 -9.63 -6.97 35.70
N VAL B 382 -9.62 -7.14 34.37
CA VAL B 382 -10.10 -6.12 33.46
C VAL B 382 -11.60 -6.27 33.18
N PRO B 383 -12.41 -5.29 33.65
CA PRO B 383 -13.86 -5.39 33.43
C PRO B 383 -14.24 -4.99 32.01
N ASP B 384 -15.34 -5.54 31.51
CA ASP B 384 -15.87 -5.11 30.22
C ASP B 384 -16.13 -3.62 30.22
N ALA B 385 -15.95 -3.00 29.06
CA ALA B 385 -16.35 -1.61 28.87
C ALA B 385 -17.87 -1.58 28.87
N THR B 386 -18.42 -0.66 29.66
CA THR B 386 -19.87 -0.50 29.72
C THR B 386 -20.39 0.26 28.50
N ASP B 387 -19.56 1.13 27.93
CA ASP B 387 -19.94 1.91 26.77
C ASP B 387 -18.80 1.99 25.77
N ILE B 388 -19.15 1.86 24.50
CA ILE B 388 -18.21 2.01 23.39
C ILE B 388 -18.76 2.98 22.37
N LEU B 389 -17.91 3.86 21.84
CA LEU B 389 -18.29 4.75 20.75
C LEU B 389 -17.39 4.54 19.53
N VAL B 390 -18.01 4.19 18.40
CA VAL B 390 -17.28 3.94 17.16
C VAL B 390 -17.77 4.88 16.05
N PRO B 391 -17.02 5.97 15.77
CA PRO B 391 -17.46 6.92 14.76
C PRO B 391 -17.25 6.36 13.36
N ARG B 392 -18.30 6.37 12.54
CA ARG B 392 -18.21 5.78 11.21
C ARG B 392 -18.18 6.84 10.12
N TRP B 393 -17.06 7.54 10.03
CA TRP B 393 -16.89 8.64 9.08
C TRP B 393 -16.89 8.14 7.63
N TRP B 394 -16.23 7.01 7.39
CA TRP B 394 -16.21 6.42 6.07
C TRP B 394 -17.62 6.06 5.60
N SER B 395 -18.43 5.53 6.52
CA SER B 395 -19.81 5.12 6.21
C SER B 395 -20.77 6.29 6.11
N ASP B 396 -20.33 7.47 6.50
CA ASP B 396 -21.15 8.67 6.41
C ASP B 396 -21.07 9.30 5.01
N ARG B 397 -22.22 9.44 4.38
CA ARG B 397 -22.26 9.90 2.98
C ARG B 397 -21.86 11.35 2.82
N PHE B 398 -21.89 12.09 3.93
CA PHE B 398 -21.50 13.49 3.90
C PHE B 398 -20.00 13.69 4.12
N TYR B 399 -19.28 12.59 4.34
CA TYR B 399 -17.86 12.66 4.67
C TYR B 399 -17.02 11.65 3.93
N LYS B 400 -17.45 10.38 3.92
CA LYS B 400 -16.78 9.29 3.19
C LYS B 400 -15.30 9.16 3.54
N GLY B 401 -14.96 9.43 4.80
CA GLY B 401 -13.57 9.40 5.25
C GLY B 401 -13.33 10.50 6.26
N THR B 402 -12.10 10.60 6.77
CA THR B 402 -11.78 11.62 7.77
C THR B 402 -10.89 12.73 7.25
N PHE B 403 -9.84 12.41 6.51
CA PHE B 403 -9.05 13.45 5.85
C PHE B 403 -8.23 12.92 4.71
N SER B 404 -7.78 13.83 3.85
CA SER B 404 -6.99 13.47 2.68
C SER B 404 -5.56 13.07 3.06
N ASN B 405 -4.96 12.26 2.18
CA ASN B 405 -3.56 11.88 2.29
C ASN B 405 -2.93 11.96 0.90
N TRP B 406 -1.77 12.60 0.84
CA TRP B 406 -1.02 12.74 -0.40
C TRP B 406 -0.35 11.42 -0.81
N PRO B 407 -0.83 10.79 -1.89
CA PRO B 407 -0.29 9.47 -2.18
C PRO B 407 0.92 9.53 -3.10
N VAL B 408 1.67 8.44 -3.14
CA VAL B 408 2.82 8.34 -4.04
C VAL B 408 2.34 8.35 -5.50
N GLY B 409 2.97 9.21 -6.32
CA GLY B 409 2.63 9.32 -7.73
C GLY B 409 1.78 10.53 -8.11
N VAL B 410 1.37 11.32 -7.12
CA VAL B 410 0.65 12.55 -7.41
C VAL B 410 1.64 13.68 -7.23
N ASN B 411 1.95 14.40 -8.30
CA ASN B 411 2.86 15.54 -8.18
C ASN B 411 2.13 16.84 -7.83
N ARG B 412 2.88 17.91 -7.62
CA ARG B 412 2.29 19.19 -7.25
C ARG B 412 1.33 19.70 -8.32
N TYR B 413 1.55 19.25 -9.56
CA TYR B 413 0.72 19.67 -10.67
C TYR B 413 -0.68 19.08 -10.61
N GLU B 414 -0.79 17.75 -10.51
CA GLU B 414 -2.11 17.11 -10.45
C GLU B 414 -2.85 17.47 -9.17
N TYR B 415 -2.12 17.74 -8.09
CA TYR B 415 -2.73 18.27 -6.88
C TYR B 415 -3.40 19.62 -7.18
N ASP B 416 -2.73 20.43 -7.98
CA ASP B 416 -3.26 21.72 -8.42
C ASP B 416 -4.51 21.62 -9.31
N GLN B 417 -4.63 20.54 -10.06
CA GLN B 417 -5.86 20.27 -10.78
C GLN B 417 -7.06 20.00 -9.85
N LEU B 418 -6.78 19.38 -8.69
CA LEU B 418 -7.79 19.09 -7.68
C LEU B 418 -8.42 20.36 -7.11
N ARG B 419 -7.65 21.44 -7.05
CA ARG B 419 -8.18 22.73 -6.57
C ARG B 419 -8.80 23.56 -7.69
N ALA B 420 -8.36 23.33 -8.92
CA ALA B 420 -8.73 24.14 -10.08
C ALA B 420 -10.24 24.21 -10.32
N PRO B 421 -10.74 25.39 -10.72
CA PRO B 421 -12.17 25.57 -11.07
C PRO B 421 -12.54 24.84 -12.34
N VAL B 422 -13.84 24.58 -12.50
CA VAL B 422 -14.38 24.08 -13.75
C VAL B 422 -15.56 25.00 -14.06
N GLY B 423 -15.33 25.94 -14.97
CA GLY B 423 -16.28 27.01 -15.25
C GLY B 423 -16.55 27.84 -14.01
N ARG B 424 -17.83 27.90 -13.65
CA ARG B 424 -18.27 28.64 -12.47
C ARG B 424 -18.26 27.79 -11.19
N VAL B 425 -17.80 26.54 -11.31
CA VAL B 425 -17.66 25.65 -10.16
C VAL B 425 -16.29 25.77 -9.52
N TYR B 426 -16.26 26.27 -8.30
CA TYR B 426 -15.03 26.41 -7.53
C TYR B 426 -14.94 25.38 -6.41
N PHE B 427 -13.72 25.08 -6.01
CA PHE B 427 -13.52 24.06 -4.99
C PHE B 427 -12.73 24.57 -3.79
N THR B 428 -13.01 23.99 -2.64
CA THR B 428 -12.30 24.33 -1.41
C THR B 428 -12.39 23.12 -0.50
N GLY B 429 -11.68 23.17 0.63
CA GLY B 429 -11.58 22.05 1.56
C GLY B 429 -10.12 21.75 1.85
N GLU B 430 -9.87 21.00 2.92
CA GLU B 430 -8.49 20.67 3.33
C GLU B 430 -7.69 20.00 2.21
N HIS B 431 -8.39 19.28 1.34
CA HIS B 431 -7.79 18.56 0.23
C HIS B 431 -7.41 19.51 -0.90
N THR B 432 -7.65 20.81 -0.71
CA THR B 432 -7.23 21.84 -1.66
C THR B 432 -6.23 22.80 -1.03
N SER B 433 -5.89 22.55 0.24
CA SER B 433 -4.88 23.36 0.94
C SER B 433 -3.50 23.13 0.33
N GLU B 434 -2.86 24.22 -0.10
CA GLU B 434 -1.55 24.16 -0.75
C GLU B 434 -0.53 23.30 -0.02
N HIS B 435 -0.35 23.59 1.27
CA HIS B 435 0.71 22.96 2.06
C HIS B 435 0.22 22.32 3.35
N TYR B 436 -1.08 22.38 3.62
CA TYR B 436 -1.58 21.90 4.90
C TYR B 436 -2.75 20.95 4.80
N ASN B 437 -2.81 20.15 3.73
CA ASN B 437 -3.95 19.25 3.56
C ASN B 437 -4.07 18.29 4.74
N GLY B 438 -5.31 18.02 5.12
CA GLY B 438 -5.61 17.07 6.18
C GLY B 438 -5.70 17.64 7.57
N TYR B 439 -5.64 18.96 7.70
CA TYR B 439 -5.67 19.61 9.01
C TYR B 439 -6.73 20.71 9.11
N VAL B 440 -7.08 21.09 10.34
CA VAL B 440 -8.04 22.16 10.60
C VAL B 440 -7.54 23.48 9.99
N HIS B 441 -6.29 23.86 10.27
CA HIS B 441 -5.72 25.06 9.67
C HIS B 441 -5.66 24.97 8.16
N GLY B 442 -5.46 23.75 7.66
CA GLY B 442 -5.54 23.47 6.24
C GLY B 442 -6.88 23.88 5.66
N ALA B 443 -7.95 23.39 6.26
CA ALA B 443 -9.30 23.75 5.83
C ALA B 443 -9.50 25.25 5.94
N TYR B 444 -9.10 25.82 7.07
CA TYR B 444 -9.25 27.24 7.31
C TYR B 444 -8.57 28.10 6.24
N LEU B 445 -7.28 27.84 6.01
CA LEU B 445 -6.53 28.61 5.03
C LEU B 445 -7.02 28.38 3.60
N SER B 446 -7.48 27.17 3.30
CA SER B 446 -7.95 26.82 1.96
C SER B 446 -9.22 27.55 1.55
N GLY B 447 -10.08 27.81 2.54
CA GLY B 447 -11.29 28.63 2.36
C GLY B 447 -10.95 30.05 1.90
N ILE B 448 -10.03 30.69 2.62
CA ILE B 448 -9.52 32.00 2.24
C ILE B 448 -8.95 31.98 0.81
N ASP B 449 -8.13 30.96 0.50
CA ASP B 449 -7.44 30.91 -0.79
C ASP B 449 -8.41 30.66 -1.95
N SER B 450 -9.38 29.77 -1.75
CA SER B 450 -10.39 29.51 -2.78
C SER B 450 -11.22 30.77 -3.00
N ALA B 451 -11.57 31.42 -1.89
CA ALA B 451 -12.37 32.63 -1.91
C ALA B 451 -11.68 33.69 -2.75
N GLU B 452 -10.38 33.86 -2.50
CA GLU B 452 -9.62 34.88 -3.19
C GLU B 452 -9.56 34.68 -4.70
N ILE B 453 -9.46 33.42 -5.13
CA ILE B 453 -9.52 33.10 -6.56
C ILE B 453 -10.88 33.52 -7.12
N LEU B 454 -11.95 33.13 -6.43
CA LEU B 454 -13.33 33.46 -6.84
C LEU B 454 -13.62 34.96 -6.80
N ILE B 455 -13.11 35.64 -5.77
CA ILE B 455 -13.25 37.10 -5.66
C ILE B 455 -12.67 37.74 -6.92
N ASN B 456 -11.47 37.31 -7.29
CA ASN B 456 -10.78 37.80 -8.49
C ASN B 456 -11.57 37.66 -9.77
N CYS B 457 -12.41 36.64 -9.81
CA CYS B 457 -13.22 36.38 -10.97
C CYS B 457 -14.62 37.01 -10.87
N ALA B 458 -15.33 36.73 -9.78
CA ALA B 458 -16.70 37.19 -9.61
C ALA B 458 -16.79 38.72 -9.52
N GLN B 459 -15.81 39.32 -8.86
CA GLN B 459 -15.84 40.75 -8.57
C GLN B 459 -14.91 41.50 -9.52
N LYS B 460 -13.62 41.16 -9.48
CA LYS B 460 -12.61 41.87 -10.29
C LYS B 460 -12.61 41.49 -11.78
N LYS B 461 -13.29 40.41 -12.12
CA LYS B 461 -13.56 40.02 -13.52
C LYS B 461 -12.35 39.54 -14.32
N MET B 462 -11.29 39.14 -13.63
CA MET B 462 -10.23 38.33 -14.24
C MET B 462 -10.50 36.84 -13.92
N CYS B 463 -10.78 36.06 -14.95
CA CYS B 463 -11.25 34.69 -14.80
C CYS B 463 -10.25 33.61 -15.21
N LYS B 464 -9.27 33.96 -16.03
CA LYS B 464 -8.23 33.02 -16.44
C LYS B 464 -7.51 32.49 -15.19
N TYR B 465 -7.50 31.17 -15.05
CA TYR B 465 -6.82 30.50 -13.96
C TYR B 465 -5.73 29.57 -14.54
N HIS B 466 -4.48 29.85 -14.19
CA HIS B 466 -3.35 29.03 -14.66
C HIS B 466 -2.99 28.00 -13.58
N VAL B 467 -2.92 26.72 -13.95
CA VAL B 467 -2.80 25.61 -12.98
C VAL B 467 -1.44 25.57 -12.24
#